data_2IVE
#
_entry.id   2IVE
#
_cell.length_a   148.566
_cell.length_b   148.566
_cell.length_c   132.745
_cell.angle_alpha   90.00
_cell.angle_beta   90.00
_cell.angle_gamma   90.00
#
_symmetry.space_group_name_H-M   'P 4 21 2'
#
loop_
_entity.id
_entity.type
_entity.pdbx_description
1 polymer 'PROTOPORPHYRINOGEN OXIDASE'
2 non-polymer 'FLAVIN-ADENINE DINUCLEOTIDE'
3 non-polymer GLYCEROL
4 non-polymer '(3S)-3-[(2S,3S,4R)-3,4-DIMETHYLTETRAHYDROFURAN-2-YL]BUTYL LAURATE'
5 water water
#
_entity_poly.entity_id   1
_entity_poly.type   'polypeptide(L)'
_entity_poly.pdbx_seq_one_letter_code
;MDHHHHHHHHMPRTTGMNVAVVGGGISGLAVAHHLRSRGTDAVLLESSARLGGAVGTHALAGYLVEQGPNSFLDREPATR
ALAAALNLEGRIRAADPAAKRRYVYTRGRLRSVPASPPAFLASDILPLGARLRVAGELFSRRAPEGVDESLAAFGRRHLG
HRATQVLLDAVQTGIYAGDVEQLSVAATFPMLVKMEREHRSLILGAIRAQKAQRQAALPAGTAPKLSGALSTFDGGLQVL
IDALAASLGDAAHVGARVEGLAREDGGWRLIIEEHGRRAELSVAQVVLAAPAHATAKLLRPLDDALAALVAGIAYAPIAV
VHLGFDAGTLPAPDGFGFLVPAEEQRRMLGAIHASTTFPFRAEGGRVLYSCMVGGARQPGLVEQDEDALAALAREELKAL
AGVTARPSFTRVFRWPLGIPQYNLGHLERVAAIDAALQRLPGLHLIGNAYKGVGLNDCIRNAAQLADALVAGNTSHAP
;
_entity_poly.pdbx_strand_id   A,B
#
loop_
_chem_comp.id
_chem_comp.type
_chem_comp.name
_chem_comp.formula
FAD non-polymer 'FLAVIN-ADENINE DINUCLEOTIDE' 'C27 H33 N9 O15 P2'
GOL non-polymer GLYCEROL 'C3 H8 O3'
TWN non-polymer '(3S)-3-[(2S,3S,4R)-3,4-DIMETHYLTETRAHYDROFURAN-2-YL]BUTYL LAURATE' 'C22 H42 O3'
#
# COMPACT_ATOMS: atom_id res chain seq x y z
N MET A 17 42.42 -36.70 -9.95
CA MET A 17 41.13 -37.03 -9.28
C MET A 17 41.01 -36.41 -7.88
N ASN A 18 42.14 -35.94 -7.34
CA ASN A 18 42.18 -35.33 -6.00
C ASN A 18 42.50 -33.83 -6.05
N VAL A 19 41.79 -33.07 -5.22
CA VAL A 19 41.88 -31.62 -5.20
C VAL A 19 42.27 -31.08 -3.83
N ALA A 20 43.07 -30.03 -3.80
CA ALA A 20 43.42 -29.35 -2.55
C ALA A 20 42.76 -27.96 -2.49
N VAL A 21 42.27 -27.60 -1.31
CA VAL A 21 41.61 -26.32 -1.10
C VAL A 21 42.32 -25.55 0.00
N VAL A 22 42.85 -24.38 -0.34
CA VAL A 22 43.60 -23.54 0.59
C VAL A 22 42.70 -22.42 1.11
N GLY A 23 42.37 -22.47 2.39
CA GLY A 23 41.45 -21.51 3.00
C GLY A 23 40.19 -22.18 3.50
N GLY A 24 39.85 -21.94 4.76
CA GLY A 24 38.71 -22.59 5.40
C GLY A 24 37.54 -21.68 5.73
N GLY A 25 37.40 -20.60 4.96
CA GLY A 25 36.23 -19.72 5.06
C GLY A 25 35.12 -20.32 4.21
N ILE A 26 33.99 -19.62 4.11
CA ILE A 26 32.84 -20.12 3.34
C ILE A 26 33.18 -20.48 1.89
N SER A 27 33.99 -19.66 1.23
CA SER A 27 34.40 -19.92 -0.15
C SER A 27 35.08 -21.28 -0.28
N GLY A 28 36.02 -21.54 0.62
CA GLY A 28 36.77 -22.81 0.62
C GLY A 28 35.94 -23.99 1.09
N LEU A 29 35.18 -23.79 2.17
CA LEU A 29 34.33 -24.84 2.72
C LEU A 29 33.29 -25.30 1.70
N ALA A 30 32.61 -24.34 1.07
CA ALA A 30 31.57 -24.64 0.09
C ALA A 30 32.11 -25.38 -1.13
N VAL A 31 33.28 -24.97 -1.61
CA VAL A 31 33.95 -25.62 -2.73
C VAL A 31 34.27 -27.08 -2.40
N ALA A 32 34.86 -27.29 -1.23
CA ALA A 32 35.22 -28.63 -0.76
C ALA A 32 33.99 -29.50 -0.56
N HIS A 33 32.94 -28.92 0.02
CA HIS A 33 31.69 -29.64 0.26
C HIS A 33 31.01 -30.07 -1.04
N HIS A 34 30.98 -29.16 -2.02
CA HIS A 34 30.32 -29.41 -3.29
C HIS A 34 31.06 -30.47 -4.11
N LEU A 35 32.39 -30.48 -4.01
CA LEU A 35 33.22 -31.46 -4.72
C LEU A 35 33.00 -32.88 -4.19
N ARG A 36 33.02 -33.03 -2.87
CA ARG A 36 32.81 -34.33 -2.24
C ARG A 36 31.43 -34.88 -2.58
N SER A 37 30.41 -34.05 -2.41
CA SER A 37 29.02 -34.44 -2.66
C SER A 37 28.72 -34.66 -4.15
N ARG A 38 29.77 -34.70 -4.97
CA ARG A 38 29.63 -35.02 -6.39
C ARG A 38 30.67 -36.04 -6.86
N GLY A 39 31.26 -36.75 -5.91
CA GLY A 39 32.22 -37.82 -6.22
C GLY A 39 33.59 -37.32 -6.64
N THR A 40 34.15 -36.40 -5.85
CA THR A 40 35.51 -35.92 -6.04
C THR A 40 36.09 -35.62 -4.66
N ASP A 41 37.10 -36.39 -4.28
CA ASP A 41 37.71 -36.24 -2.96
C ASP A 41 38.57 -34.98 -2.89
N ALA A 42 38.33 -34.19 -1.84
CA ALA A 42 39.01 -32.91 -1.68
C ALA A 42 39.62 -32.79 -0.29
N VAL A 43 40.74 -32.08 -0.21
CA VAL A 43 41.40 -31.81 1.07
C VAL A 43 41.41 -30.31 1.31
N LEU A 44 41.00 -29.91 2.51
CA LEU A 44 40.96 -28.49 2.87
C LEU A 44 41.97 -28.17 3.98
N LEU A 45 42.71 -27.10 3.78
CA LEU A 45 43.76 -26.70 4.70
C LEU A 45 43.55 -25.26 5.17
N GLU A 46 43.54 -25.08 6.49
CA GLU A 46 43.25 -23.79 7.10
C GLU A 46 44.31 -23.41 8.15
N SER A 47 44.84 -22.19 8.02
CA SER A 47 45.85 -21.67 8.94
C SER A 47 45.39 -21.61 10.39
N SER A 48 44.16 -21.12 10.60
CA SER A 48 43.63 -20.89 11.94
C SER A 48 43.38 -22.18 12.72
N ALA A 49 43.15 -22.04 14.02
CA ALA A 49 42.75 -23.14 14.88
C ALA A 49 41.30 -23.58 14.60
N ARG A 50 40.57 -22.79 13.82
CA ARG A 50 39.15 -23.03 13.54
C ARG A 50 38.77 -22.72 12.08
N LEU A 51 37.77 -23.43 11.56
CA LEU A 51 37.18 -23.12 10.27
C LEU A 51 36.25 -21.91 10.37
N GLY A 52 35.94 -21.31 9.23
CA GLY A 52 34.95 -20.23 9.18
C GLY A 52 35.42 -18.94 8.54
N GLY A 53 36.67 -18.57 8.80
CA GLY A 53 37.22 -17.32 8.30
C GLY A 53 36.63 -16.13 9.01
N ALA A 54 35.86 -15.33 8.27
CA ALA A 54 35.18 -14.16 8.84
C ALA A 54 33.96 -14.55 9.67
N VAL A 55 33.28 -15.62 9.24
CA VAL A 55 32.03 -16.05 9.86
C VAL A 55 32.28 -16.80 11.16
N GLY A 56 31.62 -16.35 12.23
CA GLY A 56 31.77 -16.93 13.56
C GLY A 56 30.78 -16.32 14.53
N THR A 57 30.08 -17.18 15.27
CA THR A 57 29.12 -16.72 16.27
C THR A 57 29.54 -17.19 17.66
N HIS A 58 29.52 -16.25 18.60
CA HIS A 58 29.96 -16.52 19.96
C HIS A 58 28.81 -16.39 20.96
N ALA A 59 28.78 -17.29 21.93
CA ALA A 59 27.79 -17.23 23.02
C ALA A 59 28.43 -16.54 24.23
N LEU A 60 28.02 -15.31 24.50
CA LEU A 60 28.59 -14.52 25.59
C LEU A 60 27.52 -13.71 26.30
N ALA A 61 27.50 -13.81 27.64
CA ALA A 61 26.62 -13.03 28.52
C ALA A 61 25.14 -13.04 28.12
N GLY A 62 24.68 -14.17 27.59
CA GLY A 62 23.28 -14.33 27.21
C GLY A 62 22.97 -13.87 25.79
N TYR A 63 24.01 -13.50 25.06
CA TYR A 63 23.88 -13.07 23.67
C TYR A 63 24.47 -14.08 22.70
N LEU A 64 24.02 -14.01 21.45
CA LEU A 64 24.72 -14.61 20.33
C LEU A 64 25.31 -13.49 19.46
N VAL A 65 26.62 -13.25 19.61
CA VAL A 65 27.29 -12.17 18.89
C VAL A 65 28.04 -12.67 17.65
N GLU A 66 27.97 -11.90 16.57
CA GLU A 66 28.60 -12.27 15.31
C GLU A 66 29.95 -11.56 15.11
N GLN A 67 30.97 -12.36 14.79
CA GLN A 67 32.32 -11.84 14.49
C GLN A 67 32.29 -10.78 13.41
N GLY A 68 31.75 -11.14 12.25
CA GLY A 68 31.56 -10.19 11.17
C GLY A 68 30.15 -10.21 10.61
N PRO A 69 29.91 -11.07 9.63
CA PRO A 69 28.62 -11.12 8.93
C PRO A 69 27.48 -11.44 9.89
N ASN A 70 26.32 -10.82 9.66
CA ASN A 70 25.18 -10.98 10.54
C ASN A 70 24.02 -11.72 9.86
N SER A 71 23.84 -11.45 8.56
CA SER A 71 22.70 -11.98 7.83
C SER A 71 22.96 -12.16 6.34
N PHE A 72 22.04 -12.86 5.69
CA PHE A 72 22.04 -13.01 4.23
C PHE A 72 20.62 -12.79 3.73
N LEU A 73 20.49 -12.18 2.56
CA LEU A 73 19.19 -12.03 1.92
C LEU A 73 18.77 -13.38 1.34
N ASP A 74 17.64 -13.88 1.82
CA ASP A 74 17.13 -15.19 1.41
C ASP A 74 16.54 -15.13 0.00
N ARG A 75 17.43 -14.96 -0.99
CA ARG A 75 17.03 -14.79 -2.39
C ARG A 75 17.94 -15.55 -3.36
N GLU A 76 18.93 -16.26 -2.82
CA GLU A 76 19.88 -17.02 -3.64
C GLU A 76 19.58 -18.52 -3.58
N PRO A 77 19.33 -19.15 -4.74
CA PRO A 77 19.10 -20.59 -4.85
C PRO A 77 20.26 -21.44 -4.34
N ALA A 78 21.49 -21.00 -4.61
CA ALA A 78 22.70 -21.74 -4.23
C ALA A 78 22.84 -21.91 -2.72
N THR A 79 22.51 -20.87 -1.96
CA THR A 79 22.55 -20.92 -0.50
C THR A 79 21.38 -21.71 0.09
N ARG A 80 20.28 -21.79 -0.67
CA ARG A 80 19.16 -22.65 -0.31
C ARG A 80 19.50 -24.13 -0.56
N ALA A 81 20.07 -24.40 -1.74
CA ALA A 81 20.53 -25.75 -2.10
C ALA A 81 21.61 -26.28 -1.14
N LEU A 82 22.45 -25.38 -0.65
CA LEU A 82 23.50 -25.73 0.30
C LEU A 82 22.89 -26.05 1.67
N ALA A 83 21.87 -25.27 2.06
CA ALA A 83 21.17 -25.48 3.32
C ALA A 83 20.35 -26.77 3.30
N ALA A 84 19.84 -27.13 2.12
CA ALA A 84 19.04 -28.34 1.94
C ALA A 84 19.91 -29.60 2.02
N ALA A 85 20.98 -29.61 1.23
CA ALA A 85 21.93 -30.73 1.20
C ALA A 85 22.75 -30.83 2.49
N LEU A 86 22.34 -30.10 3.51
CA LEU A 86 23.05 -30.04 4.77
C LEU A 86 22.05 -30.02 5.93
N ASN A 87 20.77 -30.22 5.59
CA ASN A 87 19.67 -30.30 6.56
C ASN A 87 19.58 -29.08 7.48
N LEU A 88 19.54 -27.90 6.87
CA LEU A 88 19.51 -26.65 7.62
C LEU A 88 18.28 -25.76 7.33
N GLU A 89 17.52 -26.13 6.30
CA GLU A 89 16.38 -25.33 5.84
C GLU A 89 15.35 -24.98 6.91
N GLY A 90 15.16 -25.87 7.89
CA GLY A 90 14.23 -25.65 8.99
C GLY A 90 14.81 -24.83 10.12
N ARG A 91 16.10 -24.54 10.04
CA ARG A 91 16.79 -23.77 11.07
C ARG A 91 17.05 -22.33 10.64
N ILE A 92 16.59 -21.98 9.42
CA ILE A 92 16.70 -20.63 8.89
C ILE A 92 15.69 -19.74 9.62
N ARG A 93 16.10 -18.49 9.87
CA ARG A 93 15.25 -17.59 10.63
C ARG A 93 15.01 -16.21 10.07
N ALA A 94 13.73 -15.95 9.81
CA ALA A 94 13.26 -14.59 9.55
C ALA A 94 14.06 -13.57 10.35
N ALA A 95 14.56 -12.55 9.67
CA ALA A 95 14.97 -11.31 10.33
C ALA A 95 13.77 -10.62 10.97
N ASP A 96 13.44 -11.02 12.18
CA ASP A 96 12.06 -10.98 12.66
C ASP A 96 11.57 -9.54 12.82
N PRO A 97 10.73 -9.32 13.82
CA PRO A 97 9.48 -8.57 13.61
C PRO A 97 9.74 -7.06 13.54
N ALA A 98 9.26 -6.33 14.55
CA ALA A 98 9.71 -4.97 14.78
C ALA A 98 9.79 -4.19 13.47
N ALA A 99 10.86 -3.42 13.32
CA ALA A 99 11.05 -2.60 12.12
C ALA A 99 11.55 -3.45 10.95
N LYS A 100 10.74 -3.52 9.89
CA LYS A 100 11.26 -3.60 8.54
C LYS A 100 11.88 -2.28 8.10
N ARG A 101 11.66 -1.24 8.91
CA ARG A 101 12.30 0.06 8.67
C ARG A 101 13.81 -0.02 8.82
N ARG A 102 14.50 0.86 8.10
CA ARG A 102 15.91 1.14 8.35
C ARG A 102 16.07 2.66 8.40
N TYR A 103 17.16 3.13 9.01
CA TYR A 103 17.33 4.56 9.24
C TYR A 103 18.64 5.09 8.67
N VAL A 104 18.62 6.37 8.29
CA VAL A 104 19.84 7.06 7.87
C VAL A 104 19.95 8.35 8.69
N TYR A 105 21.10 8.56 9.31
CA TYR A 105 21.36 9.82 10.00
C TYR A 105 21.69 10.91 8.99
N THR A 106 20.74 11.82 8.79
CA THR A 106 20.93 12.94 7.86
C THR A 106 20.16 14.17 8.34
N ARG A 107 20.82 15.32 8.27
CA ARG A 107 20.26 16.60 8.72
C ARG A 107 19.77 16.55 10.17
N GLY A 108 20.68 16.27 11.10
CA GLY A 108 20.41 16.43 12.52
C GLY A 108 19.78 15.28 13.28
N ARG A 109 19.13 14.35 12.57
CA ARG A 109 18.42 13.25 13.23
C ARG A 109 18.43 11.96 12.42
N LEU A 110 18.02 10.86 13.05
CA LEU A 110 17.79 9.60 12.36
C LEU A 110 16.48 9.68 11.61
N ARG A 111 16.51 9.28 10.33
CA ARG A 111 15.36 9.40 9.44
C ARG A 111 15.03 8.08 8.75
N SER A 112 13.74 7.72 8.79
CA SER A 112 13.24 6.51 8.19
C SER A 112 13.37 6.55 6.67
N VAL A 113 14.08 5.60 6.09
CA VAL A 113 14.15 5.50 4.63
C VAL A 113 12.94 4.71 4.11
N PRO A 114 12.09 5.36 3.31
CA PRO A 114 10.80 4.82 2.86
C PRO A 114 10.96 3.60 1.94
N ALA A 115 9.95 2.72 1.98
CA ALA A 115 10.00 1.45 1.25
C ALA A 115 9.22 1.46 -0.06
N SER A 116 8.44 2.52 -0.29
CA SER A 116 7.60 2.62 -1.47
C SER A 116 7.64 4.01 -2.12
N PRO A 117 7.51 4.06 -3.47
CA PRO A 117 7.49 5.31 -4.23
C PRO A 117 6.53 6.41 -3.72
N PRO A 118 5.28 6.06 -3.32
CA PRO A 118 4.41 7.12 -2.79
C PRO A 118 4.87 7.64 -1.42
N ALA A 119 5.32 6.72 -0.57
CA ALA A 119 5.86 7.06 0.75
C ALA A 119 7.12 7.92 0.61
N PHE A 120 7.95 7.61 -0.38
CA PHE A 120 9.18 8.36 -0.65
C PHE A 120 8.90 9.82 -1.03
N LEU A 121 7.89 10.04 -1.85
CA LEU A 121 7.52 11.38 -2.30
C LEU A 121 7.01 12.28 -1.18
N ALA A 122 6.37 11.68 -0.18
CA ALA A 122 5.85 12.41 0.98
C ALA A 122 6.86 12.48 2.13
N SER A 123 7.94 11.70 2.03
CA SER A 123 8.98 11.60 3.07
C SER A 123 9.80 12.88 3.23
N ASP A 124 10.50 13.00 4.36
CA ASP A 124 11.42 14.12 4.59
C ASP A 124 12.87 13.66 4.56
N ILE A 125 13.10 12.47 4.00
CA ILE A 125 14.45 11.89 3.91
C ILE A 125 15.40 12.76 3.09
N LEU A 126 14.82 13.53 2.16
CA LEU A 126 15.55 14.49 1.33
C LEU A 126 14.65 15.71 1.10
N PRO A 127 15.23 16.91 0.89
CA PRO A 127 14.44 18.10 0.58
C PRO A 127 13.59 17.94 -0.70
N LEU A 128 12.55 18.76 -0.84
CA LEU A 128 11.54 18.59 -1.89
C LEU A 128 12.09 18.47 -3.33
N GLY A 129 12.98 19.38 -3.70
CA GLY A 129 13.57 19.40 -5.03
C GLY A 129 14.43 18.16 -5.30
N ALA A 130 15.09 17.67 -4.24
CA ALA A 130 15.91 16.48 -4.31
C ALA A 130 15.06 15.21 -4.49
N ARG A 131 13.89 15.20 -3.85
CA ARG A 131 12.93 14.11 -4.00
C ARG A 131 12.36 14.09 -5.42
N LEU A 132 12.00 15.28 -5.90
CA LEU A 132 11.49 15.46 -7.26
C LEU A 132 12.54 15.10 -8.31
N ARG A 133 13.82 15.30 -7.97
CA ARG A 133 14.92 14.97 -8.87
C ARG A 133 15.05 13.46 -9.08
N VAL A 134 14.83 12.69 -8.00
CA VAL A 134 14.82 11.23 -8.06
C VAL A 134 13.75 10.74 -9.04
N ALA A 135 12.56 11.36 -8.99
CA ALA A 135 11.50 11.08 -9.96
C ALA A 135 11.94 11.41 -11.38
N GLY A 136 12.81 12.40 -11.51
CA GLY A 136 13.38 12.78 -12.81
C GLY A 136 14.40 11.80 -13.34
N GLU A 137 14.60 10.68 -12.63
CA GLU A 137 15.49 9.60 -13.10
C GLU A 137 15.00 9.04 -14.44
N LEU A 138 13.71 9.23 -14.72
CA LEU A 138 13.13 8.87 -16.01
C LEU A 138 13.89 9.50 -17.17
N PHE A 139 14.42 10.70 -16.95
CA PHE A 139 15.13 11.45 -17.97
C PHE A 139 16.66 11.38 -17.82
N SER A 140 17.16 10.34 -17.15
CA SER A 140 18.60 10.12 -17.01
C SER A 140 19.30 10.11 -18.36
N ARG A 141 20.37 10.89 -18.47
CA ARG A 141 21.18 10.92 -19.68
C ARG A 141 21.96 9.62 -19.83
N ARG A 142 22.32 9.28 -21.07
CA ARG A 142 23.06 8.06 -21.39
C ARG A 142 24.34 7.92 -20.57
N ALA A 143 24.70 6.68 -20.25
CA ALA A 143 25.93 6.38 -19.52
C ALA A 143 27.19 6.72 -20.33
N PRO A 144 28.30 7.09 -19.65
CA PRO A 144 29.52 7.37 -20.40
C PRO A 144 30.03 6.12 -21.12
N GLU A 145 30.20 6.24 -22.44
CA GLU A 145 30.55 5.09 -23.29
C GLU A 145 31.96 4.57 -23.02
N GLY A 146 32.05 3.27 -22.73
CA GLY A 146 33.33 2.59 -22.55
C GLY A 146 34.08 3.00 -21.30
N VAL A 147 33.35 3.61 -20.36
CA VAL A 147 33.94 4.07 -19.10
C VAL A 147 33.46 3.20 -17.94
N ASP A 148 34.40 2.78 -17.11
CA ASP A 148 34.11 2.09 -15.87
C ASP A 148 33.80 3.13 -14.81
N GLU A 149 32.57 3.65 -14.83
CA GLU A 149 32.23 4.78 -13.98
C GLU A 149 32.04 4.41 -12.51
N SER A 150 32.31 5.38 -11.63
CA SER A 150 32.15 5.19 -10.19
C SER A 150 30.68 5.13 -9.80
N LEU A 151 30.42 4.57 -8.62
CA LEU A 151 29.09 4.51 -8.04
C LEU A 151 28.52 5.93 -7.87
N ALA A 152 29.36 6.84 -7.41
CA ALA A 152 28.98 8.24 -7.19
C ALA A 152 28.68 8.97 -8.51
N ALA A 153 29.44 8.67 -9.55
CA ALA A 153 29.16 9.20 -10.89
C ALA A 153 27.81 8.68 -11.39
N PHE A 154 27.59 7.37 -11.21
CA PHE A 154 26.34 6.71 -11.55
C PHE A 154 25.17 7.38 -10.81
N GLY A 155 25.38 7.66 -9.52
CA GLY A 155 24.36 8.28 -8.67
C GLY A 155 23.94 9.68 -9.10
N ARG A 156 24.91 10.55 -9.35
CA ARG A 156 24.62 11.93 -9.77
C ARG A 156 23.87 11.99 -11.10
N ARG A 157 24.20 11.08 -12.02
CA ARG A 157 23.55 11.04 -13.33
C ARG A 157 22.11 10.53 -13.23
N HIS A 158 21.90 9.45 -12.48
CA HIS A 158 20.56 8.87 -12.30
C HIS A 158 19.73 9.57 -11.23
N LEU A 159 20.28 9.64 -10.02
CA LEU A 159 19.53 9.96 -8.81
C LEU A 159 19.52 11.43 -8.42
N GLY A 160 20.52 12.19 -8.89
CA GLY A 160 20.74 13.56 -8.42
C GLY A 160 21.75 13.53 -7.27
N HIS A 161 22.23 14.70 -6.92
CA HIS A 161 23.31 14.80 -5.93
C HIS A 161 22.92 14.40 -4.50
N ARG A 162 21.80 14.91 -3.99
CA ARG A 162 21.37 14.59 -2.63
C ARG A 162 21.11 13.10 -2.41
N ALA A 163 20.42 12.47 -3.35
CA ALA A 163 20.11 11.03 -3.25
C ALA A 163 21.35 10.16 -3.21
N THR A 164 22.36 10.52 -4.00
CA THR A 164 23.61 9.74 -4.00
C THR A 164 24.44 10.08 -2.77
N GLN A 165 24.39 11.34 -2.36
CA GLN A 165 25.17 11.85 -1.24
C GLN A 165 24.71 11.27 0.10
N VAL A 166 23.41 11.03 0.25
CA VAL A 166 22.89 10.45 1.50
C VAL A 166 22.36 9.00 1.39
N LEU A 167 21.56 8.70 0.37
CA LEU A 167 20.95 7.37 0.26
C LEU A 167 21.86 6.32 -0.37
N LEU A 168 22.45 6.63 -1.53
CA LEU A 168 23.31 5.67 -2.21
C LEU A 168 24.59 5.38 -1.41
N ASP A 169 25.16 6.44 -0.83
CA ASP A 169 26.34 6.32 0.04
C ASP A 169 26.04 5.41 1.24
N ALA A 170 24.80 5.45 1.72
CA ALA A 170 24.36 4.60 2.83
C ALA A 170 24.34 3.11 2.43
N VAL A 171 23.72 2.80 1.28
CA VAL A 171 23.67 1.45 0.75
C VAL A 171 25.10 0.92 0.55
N GLN A 172 25.91 1.73 -0.12
CA GLN A 172 27.33 1.46 -0.32
C GLN A 172 28.04 1.12 1.00
N THR A 173 27.93 2.00 2.00
CA THR A 173 28.65 1.80 3.26
C THR A 173 28.13 0.56 4.01
N GLY A 174 26.85 0.25 3.81
CA GLY A 174 26.23 -0.92 4.40
C GLY A 174 26.75 -2.25 3.89
N ILE A 175 27.23 -2.28 2.66
CA ILE A 175 27.71 -3.52 2.04
C ILE A 175 29.24 -3.61 2.02
N TYR A 176 29.90 -2.58 1.49
CA TYR A 176 31.34 -2.62 1.25
C TYR A 176 32.17 -1.85 2.27
N ALA A 177 31.50 -0.97 3.02
CA ALA A 177 32.18 -0.05 3.93
C ALA A 177 33.33 0.64 3.19
N GLY A 178 33.00 1.25 2.06
CA GLY A 178 34.01 1.83 1.19
C GLY A 178 33.79 3.27 0.80
N ASP A 179 34.48 3.68 -0.26
CA ASP A 179 34.40 5.03 -0.80
C ASP A 179 33.48 5.02 -2.03
N VAL A 180 32.38 5.76 -1.93
CA VAL A 180 31.41 5.86 -3.03
C VAL A 180 32.02 6.46 -4.30
N GLU A 181 33.12 7.20 -4.15
CA GLU A 181 33.81 7.82 -5.28
C GLU A 181 34.78 6.85 -5.94
N GLN A 182 35.22 5.84 -5.21
CA GLN A 182 36.21 4.90 -5.75
C GLN A 182 35.61 3.61 -6.31
N LEU A 183 34.44 3.22 -5.80
CA LEU A 183 33.82 1.94 -6.16
C LEU A 183 33.26 1.93 -7.58
N SER A 184 33.58 0.87 -8.32
CA SER A 184 33.04 0.63 -9.65
C SER A 184 31.60 0.13 -9.52
N VAL A 185 30.67 0.81 -10.19
CA VAL A 185 29.25 0.43 -10.15
C VAL A 185 28.99 -0.87 -10.92
N ALA A 186 29.79 -1.12 -11.96
CA ALA A 186 29.68 -2.36 -12.72
C ALA A 186 30.13 -3.57 -11.90
N ALA A 187 31.14 -3.37 -11.07
CA ALA A 187 31.66 -4.44 -10.22
C ALA A 187 30.83 -4.64 -8.95
N THR A 188 30.24 -3.55 -8.44
CA THR A 188 29.51 -3.61 -7.16
C THR A 188 28.02 -3.88 -7.30
N PHE A 189 27.41 -3.38 -8.37
CA PHE A 189 25.97 -3.54 -8.61
C PHE A 189 25.66 -3.94 -10.06
N PRO A 190 26.03 -5.18 -10.44
CA PRO A 190 25.95 -5.65 -11.83
C PRO A 190 24.55 -5.56 -12.46
N MET A 191 23.52 -5.78 -11.66
CA MET A 191 22.15 -5.76 -12.16
C MET A 191 21.66 -4.35 -12.49
N LEU A 192 22.19 -3.34 -11.80
CA LEU A 192 21.87 -1.94 -12.08
C LEU A 192 22.46 -1.46 -13.42
N VAL A 193 23.68 -1.89 -13.70
CA VAL A 193 24.37 -1.56 -14.96
C VAL A 193 23.69 -2.25 -16.15
N LYS A 194 23.27 -3.50 -15.93
CA LYS A 194 22.55 -4.26 -16.94
C LYS A 194 21.20 -3.61 -17.25
N MET A 195 20.49 -3.23 -16.18
CA MET A 195 19.23 -2.50 -16.27
C MET A 195 19.40 -1.23 -17.10
N GLU A 196 20.45 -0.48 -16.77
CA GLU A 196 20.80 0.77 -17.44
C GLU A 196 21.08 0.54 -18.93
N ARG A 197 21.82 -0.52 -19.22
CA ARG A 197 22.16 -0.88 -20.59
C ARG A 197 20.91 -1.15 -21.43
N GLU A 198 19.94 -1.83 -20.81
CA GLU A 198 18.74 -2.29 -21.50
C GLU A 198 17.64 -1.24 -21.61
N HIS A 199 17.52 -0.38 -20.60
CA HIS A 199 16.39 0.57 -20.54
C HIS A 199 16.74 2.04 -20.31
N ARG A 200 18.03 2.33 -20.08
CA ARG A 200 18.52 3.68 -19.78
C ARG A 200 18.08 4.14 -18.37
N SER A 201 16.78 4.31 -18.18
CA SER A 201 16.21 4.67 -16.90
C SER A 201 15.90 3.42 -16.08
N LEU A 202 16.20 3.48 -14.78
CA LEU A 202 15.91 2.38 -13.86
C LEU A 202 14.43 2.30 -13.54
N ILE A 203 13.77 3.45 -13.42
CA ILE A 203 12.33 3.51 -13.19
C ILE A 203 11.60 2.88 -14.38
N LEU A 204 12.04 3.23 -15.60
CA LEU A 204 11.50 2.66 -16.82
C LEU A 204 11.63 1.14 -16.87
N GLY A 205 12.80 0.65 -16.50
CA GLY A 205 13.08 -0.78 -16.50
C GLY A 205 12.22 -1.53 -15.50
N ALA A 206 11.99 -0.90 -14.35
CA ALA A 206 11.14 -1.47 -13.30
C ALA A 206 9.68 -1.54 -13.75
N ILE A 207 9.19 -0.48 -14.40
CA ILE A 207 7.83 -0.46 -14.95
C ILE A 207 7.64 -1.55 -16.00
N ARG A 208 8.65 -1.74 -16.85
CA ARG A 208 8.58 -2.69 -17.95
C ARG A 208 8.75 -4.15 -17.48
N ALA A 209 9.57 -4.38 -16.47
CA ALA A 209 9.78 -5.72 -15.92
C ALA A 209 8.57 -6.18 -15.10
N GLN A 210 7.88 -5.21 -14.50
CA GLN A 210 6.64 -5.44 -13.79
C GLN A 210 5.55 -5.90 -14.76
N LYS A 211 5.57 -5.35 -15.98
CA LYS A 211 4.65 -5.73 -17.04
C LYS A 211 4.98 -7.12 -17.59
N ALA A 212 6.26 -7.46 -17.60
CA ALA A 212 6.75 -8.72 -18.17
C ALA A 212 6.35 -9.95 -17.35
N GLN A 213 6.47 -9.84 -16.03
CA GLN A 213 6.11 -10.93 -15.12
C GLN A 213 4.60 -11.05 -14.98
N ARG A 214 3.90 -9.94 -15.17
CA ARG A 214 2.43 -9.89 -15.12
C ARG A 214 1.77 -10.68 -16.26
N GLN A 215 2.55 -11.02 -17.28
CA GLN A 215 2.04 -11.75 -18.44
C GLN A 215 2.58 -13.19 -18.52
N ALA A 216 2.34 -13.95 -17.45
CA ALA A 216 2.73 -15.37 -17.35
C ALA A 216 4.19 -15.64 -17.70
N GLY A 221 3.71 -22.34 -10.19
CA GLY A 221 4.67 -22.73 -9.18
C GLY A 221 5.38 -24.03 -9.54
N THR A 222 5.95 -24.64 -8.52
CA THR A 222 6.65 -25.93 -8.66
C THR A 222 7.88 -25.91 -7.84
N ALA A 223 7.76 -25.93 -6.54
CA ALA A 223 8.94 -25.76 -5.76
C ALA A 223 8.68 -24.44 -5.15
N PRO A 224 9.49 -23.87 -4.32
CA PRO A 224 8.84 -22.68 -3.85
C PRO A 224 9.37 -21.40 -4.41
N LYS A 225 8.91 -20.42 -3.67
CA LYS A 225 9.26 -19.05 -3.99
C LYS A 225 10.03 -18.38 -2.85
N LEU A 226 11.15 -17.76 -3.18
CA LEU A 226 12.02 -17.12 -2.19
C LEU A 226 11.50 -15.75 -1.76
N SER A 227 11.53 -15.49 -0.47
CA SER A 227 10.98 -14.25 0.09
C SER A 227 11.89 -13.04 -0.11
N GLY A 228 13.20 -13.26 -0.07
CA GLY A 228 14.17 -12.18 -0.14
C GLY A 228 14.36 -11.50 1.21
N ALA A 229 13.82 -12.13 2.26
CA ALA A 229 13.88 -11.59 3.61
C ALA A 229 15.28 -11.69 4.20
N LEU A 230 15.61 -10.71 5.04
CA LEU A 230 16.87 -10.69 5.78
C LEU A 230 16.88 -11.85 6.78
N SER A 231 17.71 -12.84 6.51
CA SER A 231 17.69 -14.10 7.26
C SER A 231 19.02 -14.47 7.93
N THR A 232 18.95 -15.37 8.90
CA THR A 232 20.11 -15.99 9.54
C THR A 232 19.76 -17.43 9.91
N PHE A 233 20.49 -18.03 10.85
CA PHE A 233 20.13 -19.33 11.41
C PHE A 233 19.83 -19.20 12.90
N ASP A 234 19.16 -20.21 13.47
CA ASP A 234 18.68 -20.15 14.85
C ASP A 234 19.79 -19.96 15.90
N GLY A 235 20.97 -20.51 15.64
CA GLY A 235 22.12 -20.32 16.51
C GLY A 235 23.18 -19.42 15.89
N GLY A 236 22.72 -18.48 15.06
CA GLY A 236 23.62 -17.60 14.32
C GLY A 236 24.18 -18.28 13.09
N LEU A 237 25.09 -17.59 12.40
CA LEU A 237 25.69 -18.13 11.17
C LEU A 237 26.73 -19.24 11.45
N GLN A 238 27.08 -19.43 12.72
CA GLN A 238 27.96 -20.52 13.14
C GLN A 238 27.35 -21.89 12.82
N VAL A 239 26.02 -21.94 12.80
CA VAL A 239 25.28 -23.16 12.46
C VAL A 239 25.69 -23.70 11.08
N LEU A 240 25.85 -22.80 10.11
CA LEU A 240 26.25 -23.19 8.75
C LEU A 240 27.67 -23.79 8.72
N ILE A 241 28.58 -23.18 9.48
CA ILE A 241 29.98 -23.61 9.51
C ILE A 241 30.19 -24.91 10.28
N ASP A 242 29.53 -25.03 11.43
CA ASP A 242 29.54 -26.27 12.20
C ASP A 242 29.00 -27.43 11.38
N ALA A 243 28.00 -27.17 10.56
CA ALA A 243 27.43 -28.15 9.64
C ALA A 243 28.40 -28.48 8.49
N LEU A 244 29.19 -27.49 8.07
CA LEU A 244 30.23 -27.71 7.06
C LEU A 244 31.41 -28.50 7.61
N ALA A 245 31.86 -28.11 8.80
CA ALA A 245 32.97 -28.78 9.48
C ALA A 245 32.66 -30.27 9.66
N ALA A 246 31.47 -30.55 10.17
CA ALA A 246 31.01 -31.93 10.37
C ALA A 246 30.88 -32.72 9.07
N SER A 247 30.38 -32.08 8.02
CA SER A 247 30.22 -32.73 6.72
C SER A 247 31.55 -33.09 6.06
N LEU A 248 32.58 -32.30 6.32
CA LEU A 248 33.91 -32.53 5.74
C LEU A 248 34.73 -33.50 6.59
N GLY A 249 34.64 -33.35 7.91
CA GLY A 249 35.33 -34.23 8.85
C GLY A 249 36.83 -34.22 8.66
N ASP A 250 37.39 -35.40 8.38
CA ASP A 250 38.84 -35.58 8.23
C ASP A 250 39.45 -34.91 6.99
N ALA A 251 38.60 -34.54 6.03
CA ALA A 251 39.04 -33.82 4.84
C ALA A 251 39.39 -32.36 5.15
N ALA A 252 38.93 -31.87 6.30
CA ALA A 252 39.18 -30.49 6.70
C ALA A 252 40.25 -30.39 7.80
N HIS A 253 41.45 -29.97 7.40
CA HIS A 253 42.58 -29.84 8.31
C HIS A 253 42.67 -28.43 8.89
N VAL A 254 42.74 -28.36 10.22
CA VAL A 254 42.87 -27.10 10.94
C VAL A 254 44.32 -26.90 11.37
N GLY A 255 44.75 -25.64 11.43
CA GLY A 255 46.13 -25.32 11.80
C GLY A 255 47.11 -25.88 10.79
N ALA A 256 46.75 -25.75 9.52
CA ALA A 256 47.58 -26.22 8.41
C ALA A 256 47.80 -25.10 7.41
N ARG A 257 48.93 -24.41 7.54
CA ARG A 257 49.26 -23.29 6.68
C ARG A 257 50.09 -23.72 5.47
N VAL A 258 49.56 -23.44 4.29
CA VAL A 258 50.27 -23.68 3.04
C VAL A 258 51.18 -22.48 2.77
N GLU A 259 52.48 -22.74 2.62
CA GLU A 259 53.44 -21.67 2.36
C GLU A 259 54.31 -21.92 1.11
N GLY A 260 53.77 -22.70 0.17
CA GLY A 260 54.44 -22.92 -1.11
C GLY A 260 53.73 -23.90 -2.01
N LEU A 261 53.79 -23.64 -3.32
CA LEU A 261 53.29 -24.57 -4.33
C LEU A 261 54.01 -24.44 -5.67
N ALA A 262 54.26 -25.57 -6.32
CA ALA A 262 54.94 -25.60 -7.60
C ALA A 262 54.42 -26.72 -8.50
N ARG A 263 54.76 -26.65 -9.79
CA ARG A 263 54.30 -27.65 -10.75
C ARG A 263 55.00 -28.98 -10.57
N GLU A 264 54.50 -30.00 -11.25
CA GLU A 264 55.14 -31.35 -11.26
C GLU A 264 54.33 -32.28 -12.15
N ASP A 265 54.70 -32.30 -13.42
CA ASP A 265 54.00 -33.14 -14.38
C ASP A 265 52.53 -32.86 -14.21
N GLY A 266 52.14 -31.70 -14.72
CA GLY A 266 50.80 -31.25 -14.48
C GLY A 266 50.77 -31.36 -12.98
N GLY A 267 49.63 -31.53 -12.36
CA GLY A 267 49.72 -31.70 -10.93
C GLY A 267 50.38 -30.53 -10.24
N TRP A 268 50.45 -30.70 -8.92
CA TRP A 268 50.88 -29.62 -8.04
C TRP A 268 51.39 -30.17 -6.70
N ARG A 269 52.42 -29.53 -6.16
CA ARG A 269 53.00 -29.95 -4.90
C ARG A 269 52.88 -28.84 -3.87
N LEU A 270 52.15 -29.11 -2.79
CA LEU A 270 51.96 -28.13 -1.72
C LEU A 270 52.92 -28.39 -0.57
N ILE A 271 53.54 -27.32 -0.10
CA ILE A 271 54.37 -27.38 1.11
C ILE A 271 53.54 -26.87 2.27
N ILE A 272 53.24 -27.76 3.21
CA ILE A 272 52.32 -27.47 4.32
C ILE A 272 53.04 -27.52 5.66
N GLU A 273 52.73 -26.57 6.54
CA GLU A 273 53.20 -26.60 7.91
C GLU A 273 52.04 -26.86 8.87
N GLU A 274 52.05 -28.04 9.50
CA GLU A 274 51.00 -28.41 10.44
C GLU A 274 51.48 -28.32 11.89
N HIS A 275 51.81 -29.46 12.49
CA HIS A 275 52.19 -29.53 13.90
C HIS A 275 53.65 -29.10 14.10
N GLY A 276 53.94 -27.85 13.72
CA GLY A 276 55.30 -27.31 13.83
C GLY A 276 56.28 -27.80 12.79
N ARG A 277 55.95 -28.92 12.14
CA ARG A 277 56.84 -29.55 11.17
C ARG A 277 56.39 -29.34 9.72
N ARG A 278 57.28 -29.71 8.79
CA ARG A 278 57.03 -29.58 7.36
C ARG A 278 56.39 -30.85 6.80
N ALA A 279 55.46 -30.69 5.86
CA ALA A 279 54.86 -31.81 5.15
C ALA A 279 54.61 -31.44 3.69
N GLU A 280 54.51 -32.46 2.84
CA GLU A 280 54.25 -32.26 1.42
C GLU A 280 53.02 -33.03 0.95
N LEU A 281 52.41 -32.57 -0.14
CA LEU A 281 51.19 -33.19 -0.67
C LEU A 281 51.08 -32.96 -2.17
N SER A 282 50.81 -34.04 -2.90
CA SER A 282 50.58 -33.98 -4.35
C SER A 282 49.10 -34.12 -4.69
N VAL A 283 48.60 -33.19 -5.49
CA VAL A 283 47.22 -33.20 -5.96
C VAL A 283 47.15 -32.90 -7.46
N ALA A 284 46.05 -33.30 -8.09
CA ALA A 284 45.83 -33.04 -9.50
C ALA A 284 45.55 -31.56 -9.75
N GLN A 285 44.75 -30.95 -8.88
CA GLN A 285 44.34 -29.55 -9.02
C GLN A 285 44.31 -28.79 -7.69
N VAL A 286 44.62 -27.49 -7.76
CA VAL A 286 44.63 -26.64 -6.58
C VAL A 286 43.54 -25.57 -6.68
N VAL A 287 42.90 -25.30 -5.55
CA VAL A 287 41.91 -24.23 -5.45
C VAL A 287 42.31 -23.32 -4.29
N LEU A 288 42.54 -22.04 -4.61
CA LEU A 288 42.97 -21.07 -3.62
C LEU A 288 41.81 -20.18 -3.16
N ALA A 289 41.40 -20.37 -1.90
CA ALA A 289 40.28 -19.64 -1.31
C ALA A 289 40.74 -18.60 -0.31
N ALA A 290 42.06 -18.39 -0.24
CA ALA A 290 42.66 -17.42 0.68
C ALA A 290 42.41 -15.99 0.22
N PRO A 291 42.51 -15.01 1.15
CA PRO A 291 42.40 -13.60 0.77
C PRO A 291 43.46 -13.21 -0.27
N ALA A 292 43.24 -12.07 -0.93
CA ALA A 292 44.11 -11.62 -2.02
C ALA A 292 45.60 -11.60 -1.66
N HIS A 293 45.94 -11.08 -0.49
CA HIS A 293 47.34 -10.93 -0.09
C HIS A 293 48.04 -12.28 0.10
N ALA A 294 47.37 -13.20 0.81
CA ALA A 294 47.91 -14.52 1.10
C ALA A 294 48.02 -15.38 -0.17
N THR A 295 47.06 -15.23 -1.07
CA THR A 295 47.07 -15.92 -2.36
C THR A 295 48.20 -15.39 -3.25
N ALA A 296 48.46 -14.08 -3.18
CA ALA A 296 49.54 -13.45 -3.95
C ALA A 296 50.92 -13.98 -3.55
N LYS A 297 51.11 -14.18 -2.25
CA LYS A 297 52.34 -14.73 -1.70
C LYS A 297 52.63 -16.12 -2.27
N LEU A 298 51.58 -16.92 -2.45
CA LEU A 298 51.70 -18.27 -3.03
C LEU A 298 51.93 -18.26 -4.53
N LEU A 299 51.31 -17.30 -5.23
CA LEU A 299 51.43 -17.20 -6.68
C LEU A 299 52.73 -16.54 -7.13
N ARG A 300 53.43 -15.89 -6.19
CA ARG A 300 54.62 -15.11 -6.50
C ARG A 300 55.73 -15.87 -7.26
N PRO A 301 56.20 -17.02 -6.74
CA PRO A 301 57.28 -17.77 -7.41
C PRO A 301 56.82 -18.46 -8.69
N LEU A 302 55.54 -18.34 -9.00
CA LEU A 302 54.92 -19.07 -10.09
C LEU A 302 54.68 -18.16 -11.30
N ASP A 303 54.18 -16.96 -11.02
CA ASP A 303 53.98 -15.91 -12.01
C ASP A 303 53.91 -14.58 -11.29
N ASP A 304 54.97 -13.79 -11.44
CA ASP A 304 55.11 -12.51 -10.74
C ASP A 304 54.04 -11.49 -11.15
N ALA A 305 53.69 -11.47 -12.44
CA ALA A 305 52.72 -10.53 -12.98
C ALA A 305 51.29 -10.80 -12.50
N LEU A 306 50.93 -12.09 -12.42
CA LEU A 306 49.64 -12.52 -11.89
C LEU A 306 49.53 -12.20 -10.40
N ALA A 307 50.60 -12.51 -9.65
CA ALA A 307 50.65 -12.23 -8.22
C ALA A 307 50.48 -10.74 -7.94
N ALA A 308 51.04 -9.90 -8.82
CA ALA A 308 50.92 -8.44 -8.72
C ALA A 308 49.45 -7.99 -8.88
N LEU A 309 48.77 -8.60 -9.85
CA LEU A 309 47.34 -8.32 -10.10
C LEU A 309 46.48 -8.65 -8.89
N VAL A 310 46.76 -9.81 -8.28
CA VAL A 310 46.02 -10.28 -7.12
C VAL A 310 46.37 -9.45 -5.88
N ALA A 311 47.65 -9.07 -5.77
CA ALA A 311 48.13 -8.24 -4.66
C ALA A 311 47.56 -6.82 -4.72
N GLY A 312 47.12 -6.41 -5.91
CA GLY A 312 46.56 -5.07 -6.11
C GLY A 312 45.13 -4.86 -5.62
N ILE A 313 44.48 -5.93 -5.17
CA ILE A 313 43.12 -5.84 -4.63
C ILE A 313 43.15 -5.20 -3.26
N ALA A 314 42.57 -4.00 -3.14
CA ALA A 314 42.56 -3.25 -1.89
C ALA A 314 41.54 -3.81 -0.90
N TYR A 315 41.84 -3.65 0.39
CA TYR A 315 40.95 -4.09 1.47
C TYR A 315 40.72 -2.95 2.45
N ALA A 316 39.47 -2.73 2.82
CA ALA A 316 39.12 -1.72 3.81
C ALA A 316 39.01 -2.35 5.19
N PRO A 317 39.83 -1.90 6.15
CA PRO A 317 39.77 -2.40 7.52
C PRO A 317 38.45 -2.03 8.19
N ILE A 318 38.00 -2.90 9.09
CA ILE A 318 36.75 -2.69 9.82
C ILE A 318 36.79 -3.34 11.20
N ALA A 319 36.22 -2.65 12.18
CA ALA A 319 36.04 -3.19 13.52
C ALA A 319 34.57 -3.13 13.93
N VAL A 320 34.10 -4.19 14.57
CA VAL A 320 32.73 -4.21 15.08
C VAL A 320 32.72 -4.17 16.61
N VAL A 321 32.00 -3.19 17.16
CA VAL A 321 31.85 -3.03 18.59
C VAL A 321 30.46 -3.49 19.00
N HIS A 322 30.40 -4.53 19.84
CA HIS A 322 29.14 -5.00 20.39
C HIS A 322 28.90 -4.36 21.76
N LEU A 323 27.74 -3.75 21.93
CA LEU A 323 27.36 -3.15 23.21
C LEU A 323 26.04 -3.72 23.69
N GLY A 324 26.12 -4.50 24.78
CA GLY A 324 24.95 -5.13 25.38
C GLY A 324 24.43 -4.38 26.59
N PHE A 325 23.11 -4.29 26.70
CA PHE A 325 22.45 -3.54 27.78
C PHE A 325 21.46 -4.42 28.53
N ASP A 326 21.44 -4.29 29.86
CA ASP A 326 20.48 -5.03 30.71
C ASP A 326 19.04 -4.65 30.38
N ALA A 327 18.16 -5.65 30.34
CA ALA A 327 16.75 -5.44 30.07
C ALA A 327 16.17 -4.31 30.91
N GLY A 328 15.67 -3.27 30.23
CA GLY A 328 15.05 -2.13 30.91
C GLY A 328 15.93 -0.91 31.08
N THR A 329 17.24 -1.05 30.86
CA THR A 329 18.17 0.07 30.96
C THR A 329 17.98 1.06 29.80
N LEU A 330 17.49 0.56 28.67
CA LEU A 330 17.07 1.38 27.54
C LEU A 330 15.95 0.69 26.76
N PRO A 331 15.13 1.47 26.02
CA PRO A 331 14.08 0.84 25.22
C PRO A 331 14.66 0.11 24.00
N ALA A 332 13.95 -0.91 23.53
CA ALA A 332 14.33 -1.61 22.31
C ALA A 332 14.20 -0.67 21.12
N PRO A 333 15.31 -0.46 20.38
CA PRO A 333 15.31 0.49 19.26
C PRO A 333 14.54 -0.05 18.06
N ASP A 334 13.89 0.84 17.33
CA ASP A 334 13.07 0.46 16.18
C ASP A 334 13.93 0.17 14.96
N GLY A 335 13.49 -0.77 14.13
CA GLY A 335 14.11 -1.03 12.83
C GLY A 335 15.31 -1.96 12.85
N PHE A 336 15.78 -2.29 11.65
CA PHE A 336 16.95 -3.15 11.46
C PHE A 336 18.26 -2.44 11.85
N GLY A 337 18.25 -1.11 11.84
CA GLY A 337 19.41 -0.32 12.21
C GLY A 337 19.49 1.03 11.51
N PHE A 338 20.65 1.67 11.59
CA PHE A 338 20.88 2.93 10.91
C PHE A 338 22.28 3.02 10.32
N LEU A 339 22.41 3.72 9.19
CA LEU A 339 23.72 3.99 8.61
C LEU A 339 23.96 5.50 8.58
N VAL A 340 25.23 5.89 8.59
CA VAL A 340 25.58 7.31 8.53
C VAL A 340 26.44 7.65 7.31
N PRO A 341 25.97 8.58 6.48
CA PRO A 341 26.69 9.12 5.32
C PRO A 341 28.05 9.71 5.67
N ALA A 342 29.01 9.55 4.77
CA ALA A 342 30.37 10.06 4.95
C ALA A 342 30.41 11.58 5.10
N GLU A 343 29.46 12.25 4.44
CA GLU A 343 29.39 13.72 4.47
C GLU A 343 29.00 14.26 5.86
N GLU A 344 28.40 13.41 6.68
CA GLU A 344 28.07 13.77 8.05
C GLU A 344 29.32 13.84 8.92
N GLN A 345 30.43 13.34 8.36
CA GLN A 345 31.75 13.39 8.99
C GLN A 345 31.71 12.83 10.40
N ARG A 346 31.45 11.54 10.48
CA ARG A 346 31.30 10.84 11.74
C ARG A 346 32.27 9.67 11.84
N ARG A 347 32.56 9.25 13.06
CA ARG A 347 33.57 8.22 13.32
C ARG A 347 32.99 6.80 13.28
N MET A 348 31.67 6.71 13.21
CA MET A 348 30.97 5.42 13.11
C MET A 348 30.29 5.31 11.74
N LEU A 349 30.16 4.08 11.25
CA LEU A 349 29.50 3.84 9.96
C LEU A 349 28.02 3.53 10.12
N GLY A 350 27.65 2.94 11.25
CA GLY A 350 26.26 2.59 11.55
C GLY A 350 26.16 1.45 12.54
N ALA A 351 24.93 1.00 12.80
CA ALA A 351 24.69 -0.04 13.80
C ALA A 351 23.48 -0.93 13.52
N ILE A 352 23.54 -2.16 14.05
CA ILE A 352 22.37 -2.98 14.31
C ILE A 352 22.38 -3.46 15.75
N HIS A 353 21.33 -3.13 16.50
CA HIS A 353 19.96 -3.50 16.12
C HIS A 353 19.81 -4.98 15.81
N ALA A 354 20.59 -5.81 16.52
CA ALA A 354 20.56 -7.25 16.28
C ALA A 354 19.48 -7.94 17.11
N SER A 355 19.33 -7.50 18.36
CA SER A 355 18.33 -8.05 19.27
C SER A 355 16.93 -7.76 18.74
N THR A 356 16.73 -6.56 18.21
CA THR A 356 15.48 -6.18 17.55
C THR A 356 15.25 -7.06 16.31
N THR A 357 16.27 -7.13 15.45
CA THR A 357 16.20 -7.88 14.20
C THR A 357 15.98 -9.38 14.45
N PHE A 358 16.80 -9.97 15.29
CA PHE A 358 16.67 -11.38 15.65
C PHE A 358 16.57 -11.53 17.17
N PRO A 359 15.33 -11.55 17.70
CA PRO A 359 15.05 -11.63 19.15
C PRO A 359 15.75 -12.80 19.84
N PHE A 360 15.81 -13.94 19.16
CA PHE A 360 16.39 -15.18 19.70
C PHE A 360 17.89 -15.11 20.00
N ARG A 361 18.56 -14.12 19.42
CA ARG A 361 20.00 -13.94 19.62
C ARG A 361 20.33 -13.20 20.92
N ALA A 362 19.30 -12.92 21.72
CA ALA A 362 19.46 -12.28 23.02
C ALA A 362 18.46 -12.88 24.01
N GLU A 363 18.94 -13.17 25.22
CA GLU A 363 18.11 -13.79 26.25
C GLU A 363 17.67 -12.78 27.30
N GLY A 364 16.47 -13.00 27.85
CA GLY A 364 15.95 -12.23 28.99
C GLY A 364 15.72 -10.75 28.76
N GLY A 365 15.38 -10.38 27.52
CA GLY A 365 15.06 -9.00 27.18
C GLY A 365 16.23 -8.03 27.07
N ARG A 366 17.45 -8.57 27.00
CA ARG A 366 18.65 -7.75 26.81
C ARG A 366 18.68 -7.18 25.38
N VAL A 367 19.24 -5.97 25.25
CA VAL A 367 19.31 -5.28 23.97
C VAL A 367 20.75 -5.20 23.47
N LEU A 368 20.97 -5.61 22.22
CA LEU A 368 22.32 -5.65 21.64
C LEU A 368 22.51 -4.71 20.45
N TYR A 369 23.54 -3.88 20.55
CA TYR A 369 24.00 -3.04 19.46
C TYR A 369 25.31 -3.60 18.87
N SER A 370 25.37 -3.71 17.55
CA SER A 370 26.59 -4.10 16.84
C SER A 370 27.03 -2.94 15.93
N CYS A 371 27.96 -2.13 16.44
CA CYS A 371 28.41 -0.92 15.75
C CYS A 371 29.58 -1.20 14.82
N MET A 372 29.62 -0.51 13.68
CA MET A 372 30.66 -0.72 12.68
C MET A 372 31.55 0.51 12.55
N VAL A 373 32.85 0.30 12.71
CA VAL A 373 33.83 1.39 12.72
C VAL A 373 34.94 1.12 11.72
N GLY A 374 35.26 2.12 10.90
CA GLY A 374 36.39 2.04 9.98
C GLY A 374 36.04 2.33 8.54
N GLY A 375 36.23 1.34 7.68
CA GLY A 375 35.96 1.47 6.25
C GLY A 375 37.11 2.11 5.50
N ALA A 376 36.95 2.23 4.19
CA ALA A 376 38.01 2.74 3.30
C ALA A 376 38.41 4.17 3.59
N ARG A 377 37.47 4.97 4.10
CA ARG A 377 37.73 6.39 4.35
C ARG A 377 38.31 6.68 5.73
N GLN A 378 38.24 5.69 6.63
CA GLN A 378 38.82 5.84 7.98
C GLN A 378 39.47 4.54 8.46
N PRO A 379 40.53 4.08 7.77
CA PRO A 379 41.18 2.82 8.14
C PRO A 379 41.99 2.89 9.43
N GLY A 380 42.37 4.11 9.84
CA GLY A 380 43.21 4.31 11.01
C GLY A 380 42.52 4.01 12.34
N LEU A 381 41.20 4.11 12.35
CA LEU A 381 40.40 3.87 13.56
C LEU A 381 40.45 2.41 14.01
N VAL A 382 40.64 1.49 13.07
CA VAL A 382 40.68 0.06 13.34
C VAL A 382 41.98 -0.37 14.07
N GLU A 383 43.01 0.48 13.98
CA GLU A 383 44.29 0.21 14.65
C GLU A 383 44.23 0.44 16.16
N GLN A 384 43.35 1.34 16.60
CA GLN A 384 43.17 1.66 18.02
C GLN A 384 42.77 0.43 18.83
N ASP A 385 43.07 0.45 20.13
CA ASP A 385 42.77 -0.67 21.01
C ASP A 385 41.27 -0.79 21.31
N GLU A 386 40.89 -1.90 21.92
CA GLU A 386 39.48 -2.25 22.14
C GLU A 386 38.73 -1.30 23.07
N ASP A 387 39.42 -0.72 24.05
CA ASP A 387 38.81 0.23 24.97
C ASP A 387 38.54 1.58 24.33
N ALA A 388 39.42 1.98 23.41
CA ALA A 388 39.26 3.24 22.67
C ALA A 388 38.12 3.15 21.66
N LEU A 389 38.00 1.99 21.02
CA LEU A 389 36.92 1.72 20.07
C LEU A 389 35.55 1.66 20.76
N ALA A 390 35.51 1.04 21.94
CA ALA A 390 34.29 0.99 22.74
C ALA A 390 33.84 2.39 23.15
N ALA A 391 34.80 3.20 23.59
CA ALA A 391 34.54 4.59 23.95
C ALA A 391 33.97 5.36 22.77
N LEU A 392 34.62 5.21 21.61
CA LEU A 392 34.18 5.83 20.35
C LEU A 392 32.73 5.47 20.03
N ALA A 393 32.43 4.17 20.06
CA ALA A 393 31.11 3.66 19.74
C ALA A 393 30.01 4.26 20.63
N ARG A 394 30.33 4.43 21.91
CA ARG A 394 29.38 4.99 22.87
C ARG A 394 29.11 6.47 22.65
N GLU A 395 30.17 7.22 22.34
CA GLU A 395 30.06 8.66 22.06
C GLU A 395 29.19 8.93 20.84
N GLU A 396 29.42 8.16 19.78
CA GLU A 396 28.68 8.32 18.52
C GLU A 396 27.22 7.90 18.66
N LEU A 397 26.99 6.76 19.30
CA LEU A 397 25.65 6.25 19.56
C LEU A 397 24.84 7.22 20.44
N LYS A 398 25.56 8.03 21.22
CA LYS A 398 24.95 9.08 22.04
C LYS A 398 24.59 10.31 21.18
N ALA A 399 25.52 10.74 20.35
CA ALA A 399 25.33 11.93 19.51
C ALA A 399 24.32 11.72 18.38
N LEU A 400 24.20 10.48 17.90
CA LEU A 400 23.36 10.18 16.74
C LEU A 400 22.03 9.53 17.11
N ALA A 401 22.07 8.54 18.00
CA ALA A 401 20.87 7.78 18.37
C ALA A 401 20.29 8.18 19.72
N GLY A 402 21.07 8.90 20.52
CA GLY A 402 20.62 9.37 21.83
C GLY A 402 20.67 8.30 22.91
N VAL A 403 21.62 7.36 22.76
CA VAL A 403 21.81 6.30 23.75
C VAL A 403 22.78 6.78 24.83
N THR A 404 22.28 6.88 26.06
CA THR A 404 23.08 7.38 27.18
C THR A 404 23.37 6.31 28.24
N ALA A 405 22.59 5.23 28.21
CA ALA A 405 22.72 4.13 29.17
C ALA A 405 24.10 3.48 29.15
N ARG A 406 24.48 2.91 30.29
CA ARG A 406 25.77 2.21 30.42
C ARG A 406 25.63 0.75 30.00
N PRO A 407 26.51 0.29 29.10
CA PRO A 407 26.47 -1.10 28.64
C PRO A 407 26.96 -2.10 29.70
N SER A 408 26.22 -3.19 29.84
CA SER A 408 26.56 -4.29 30.74
C SER A 408 27.36 -5.39 30.02
N PHE A 409 27.62 -5.18 28.73
CA PHE A 409 28.41 -6.11 27.92
C PHE A 409 29.14 -5.36 26.80
N THR A 410 30.40 -5.74 26.56
CA THR A 410 31.24 -5.09 25.56
C THR A 410 32.21 -6.10 24.95
N ARG A 411 32.12 -6.25 23.62
CA ARG A 411 33.03 -7.13 22.88
C ARG A 411 33.40 -6.50 21.53
N VAL A 412 34.70 -6.53 21.21
CA VAL A 412 35.21 -5.88 20.01
C VAL A 412 35.97 -6.87 19.11
N PHE A 413 35.64 -6.87 17.83
CA PHE A 413 36.36 -7.68 16.83
C PHE A 413 37.00 -6.79 15.79
N ARG A 414 38.31 -6.89 15.64
CA ARG A 414 39.05 -6.10 14.65
C ARG A 414 39.44 -6.91 13.43
N TRP A 415 39.21 -6.33 12.25
CA TRP A 415 39.61 -6.93 10.99
C TRP A 415 40.48 -5.96 10.21
N PRO A 416 41.81 -6.01 10.41
CA PRO A 416 42.77 -5.14 9.72
C PRO A 416 42.78 -5.41 8.22
N LEU A 417 42.49 -6.65 7.85
CA LEU A 417 42.32 -7.03 6.46
C LEU A 417 40.82 -7.24 6.29
N GLY A 418 40.10 -6.13 6.13
CA GLY A 418 38.64 -6.17 6.20
C GLY A 418 37.92 -6.67 4.97
N ILE A 419 37.19 -5.76 4.32
CA ILE A 419 36.36 -6.08 3.17
C ILE A 419 37.05 -5.64 1.87
N PRO A 420 37.16 -6.56 0.89
CA PRO A 420 37.74 -6.20 -0.41
C PRO A 420 36.97 -5.07 -1.10
N GLN A 421 37.70 -4.13 -1.70
CA GLN A 421 37.12 -2.94 -2.31
C GLN A 421 37.15 -3.01 -3.83
N TYR A 422 35.98 -3.13 -4.44
CA TYR A 422 35.85 -3.28 -5.88
C TYR A 422 35.89 -1.92 -6.55
N ASN A 423 37.07 -1.30 -6.53
CA ASN A 423 37.27 0.04 -7.06
C ASN A 423 37.42 0.08 -8.57
N LEU A 424 37.52 1.29 -9.13
CA LEU A 424 37.67 1.47 -10.58
C LEU A 424 38.82 0.63 -11.11
N GLY A 425 38.57 -0.08 -12.21
CA GLY A 425 39.56 -0.94 -12.83
C GLY A 425 39.52 -2.39 -12.36
N HIS A 426 38.68 -2.67 -11.36
CA HIS A 426 38.61 -3.99 -10.76
C HIS A 426 38.15 -5.07 -11.74
N LEU A 427 37.17 -4.73 -12.57
CA LEU A 427 36.57 -5.71 -13.47
C LEU A 427 37.55 -6.17 -14.55
N GLU A 428 38.37 -5.24 -15.07
CA GLU A 428 39.38 -5.62 -16.06
C GLU A 428 40.58 -6.34 -15.41
N ARG A 429 40.80 -6.07 -14.13
CA ARG A 429 41.82 -6.74 -13.34
C ARG A 429 41.47 -8.22 -13.14
N VAL A 430 40.21 -8.49 -12.81
CA VAL A 430 39.75 -9.87 -12.63
C VAL A 430 39.81 -10.63 -13.96
N ALA A 431 39.63 -9.91 -15.08
CA ALA A 431 39.75 -10.50 -16.41
C ALA A 431 41.20 -10.86 -16.72
N ALA A 432 42.12 -10.00 -16.30
CA ALA A 432 43.56 -10.25 -16.45
C ALA A 432 44.04 -11.40 -15.57
N ILE A 433 43.43 -11.52 -14.39
CA ILE A 433 43.68 -12.65 -13.47
C ILE A 433 43.20 -13.95 -14.08
N ASP A 434 42.02 -13.92 -14.70
CA ASP A 434 41.43 -15.08 -15.36
C ASP A 434 42.26 -15.56 -16.55
N ALA A 435 42.76 -14.61 -17.35
CA ALA A 435 43.56 -14.93 -18.53
C ALA A 435 44.92 -15.53 -18.18
N ALA A 436 45.48 -15.08 -17.06
CA ALA A 436 46.78 -15.59 -16.58
C ALA A 436 46.68 -16.99 -15.99
N LEU A 437 45.50 -17.33 -15.46
CA LEU A 437 45.27 -18.66 -14.86
C LEU A 437 45.16 -19.76 -15.90
N GLN A 438 44.75 -19.39 -17.11
CA GLN A 438 44.60 -20.34 -18.22
C GLN A 438 45.96 -20.90 -18.67
N ARG A 439 47.02 -20.13 -18.47
CA ARG A 439 48.37 -20.57 -18.80
C ARG A 439 48.96 -21.46 -17.70
N LEU A 440 48.21 -21.65 -16.62
CA LEU A 440 48.63 -22.50 -15.50
C LEU A 440 47.56 -23.56 -15.16
N PRO A 441 47.54 -24.67 -15.93
CA PRO A 441 46.49 -25.71 -15.75
C PRO A 441 46.45 -26.28 -14.35
N GLY A 442 45.23 -26.49 -13.85
CA GLY A 442 45.02 -27.06 -12.52
C GLY A 442 45.05 -26.08 -11.37
N LEU A 443 45.14 -24.79 -11.68
CA LEU A 443 45.17 -23.74 -10.67
C LEU A 443 43.90 -22.90 -10.73
N HIS A 444 43.23 -22.76 -9.59
CA HIS A 444 41.95 -22.05 -9.54
C HIS A 444 41.82 -21.13 -8.33
N LEU A 445 41.06 -20.05 -8.50
CA LEU A 445 40.82 -19.09 -7.42
C LEU A 445 39.34 -18.88 -7.15
N ILE A 446 38.99 -18.79 -5.87
CA ILE A 446 37.71 -18.23 -5.42
C ILE A 446 37.97 -17.42 -4.16
N GLY A 447 36.94 -16.73 -3.69
CA GLY A 447 37.05 -15.89 -2.50
C GLY A 447 36.40 -14.54 -2.72
N ASN A 448 36.19 -13.82 -1.63
CA ASN A 448 35.48 -12.54 -1.66
C ASN A 448 36.20 -11.41 -2.42
N ALA A 449 37.47 -11.63 -2.72
CA ALA A 449 38.29 -10.63 -3.41
C ALA A 449 37.89 -10.39 -4.88
N TYR A 450 37.33 -11.42 -5.52
CA TYR A 450 37.18 -11.42 -6.99
C TYR A 450 35.79 -11.06 -7.50
N LYS A 451 34.84 -12.01 -7.42
CA LYS A 451 33.55 -11.89 -8.12
C LYS A 451 32.33 -11.88 -7.21
N GLY A 452 32.44 -11.23 -6.05
CA GLY A 452 31.34 -11.16 -5.10
C GLY A 452 31.82 -11.17 -3.66
N VAL A 453 31.21 -10.31 -2.84
CA VAL A 453 31.67 -10.09 -1.47
C VAL A 453 30.82 -10.83 -0.44
N GLY A 454 29.50 -10.85 -0.67
CA GLY A 454 28.55 -11.44 0.28
C GLY A 454 28.59 -12.95 0.37
N LEU A 455 28.02 -13.47 1.46
CA LEU A 455 27.85 -14.90 1.67
C LEU A 455 27.20 -15.59 0.46
N ASN A 456 26.04 -15.08 0.03
CA ASN A 456 25.34 -15.58 -1.14
C ASN A 456 26.23 -15.73 -2.38
N ASP A 457 27.04 -14.71 -2.64
CA ASP A 457 27.94 -14.69 -3.79
C ASP A 457 29.03 -15.75 -3.68
N CYS A 458 29.63 -15.86 -2.50
CA CYS A 458 30.68 -16.85 -2.25
C CYS A 458 30.16 -18.27 -2.42
N ILE A 459 28.98 -18.54 -1.85
CA ILE A 459 28.33 -19.84 -1.97
C ILE A 459 27.99 -20.18 -3.43
N ARG A 460 27.40 -19.22 -4.15
CA ARG A 460 27.07 -19.41 -5.56
C ARG A 460 28.33 -19.67 -6.40
N ASN A 461 29.30 -18.77 -6.33
CA ASN A 461 30.55 -18.89 -7.09
C ASN A 461 31.30 -20.19 -6.78
N ALA A 462 31.27 -20.60 -5.51
CA ALA A 462 31.88 -21.84 -5.06
C ALA A 462 31.27 -23.07 -5.74
N ALA A 463 29.94 -23.12 -5.78
CA ALA A 463 29.21 -24.22 -6.42
C ALA A 463 29.47 -24.26 -7.92
N GLN A 464 29.44 -23.09 -8.56
CA GLN A 464 29.71 -22.96 -10.00
C GLN A 464 31.10 -23.48 -10.37
N LEU A 465 32.09 -23.18 -9.52
CA LEU A 465 33.46 -23.63 -9.75
C LEU A 465 33.59 -25.15 -9.63
N ALA A 466 32.99 -25.71 -8.57
CA ALA A 466 33.03 -27.15 -8.32
C ALA A 466 32.38 -27.96 -9.45
N ASP A 467 31.24 -27.49 -9.95
CA ASP A 467 30.57 -28.11 -11.08
C ASP A 467 31.45 -28.10 -12.34
N ALA A 468 31.98 -26.94 -12.68
CA ALA A 468 32.85 -26.77 -13.84
C ALA A 468 34.13 -27.59 -13.71
N LEU A 469 34.52 -27.87 -12.44
CA LEU A 469 35.73 -28.62 -12.12
C LEU A 469 35.56 -30.05 -12.51
N VAL A 470 34.37 -30.57 -12.48
CA VAL A 470 34.28 -31.89 -13.01
C VAL A 470 33.99 -31.72 -14.50
N ALA A 471 35.12 -31.88 -15.17
CA ALA A 471 35.30 -31.78 -16.58
C ALA A 471 35.85 -33.09 -17.16
N MET B 17 -44.69 25.98 19.40
CA MET B 17 -44.93 25.00 20.50
C MET B 17 -45.56 23.70 19.98
N ASN B 18 -46.36 23.81 18.93
CA ASN B 18 -47.07 22.68 18.32
C ASN B 18 -46.82 22.60 16.81
N VAL B 19 -46.11 21.54 16.39
CA VAL B 19 -45.65 21.41 15.01
C VAL B 19 -46.35 20.26 14.26
N ALA B 20 -46.54 20.45 12.95
CA ALA B 20 -47.10 19.40 12.09
C ALA B 20 -46.16 19.10 10.93
N VAL B 21 -45.95 17.81 10.66
CA VAL B 21 -45.03 17.37 9.61
C VAL B 21 -45.77 16.63 8.51
N VAL B 22 -45.68 17.15 7.29
CA VAL B 22 -46.36 16.55 6.12
C VAL B 22 -45.37 15.69 5.33
N GLY B 23 -45.60 14.38 5.35
CA GLY B 23 -44.70 13.44 4.69
C GLY B 23 -44.02 12.52 5.69
N GLY B 24 -44.13 11.21 5.46
CA GLY B 24 -43.58 10.21 6.37
C GLY B 24 -42.37 9.47 5.85
N GLY B 25 -41.62 10.10 4.96
CA GLY B 25 -40.34 9.57 4.51
C GLY B 25 -39.27 9.82 5.56
N ILE B 26 -38.04 9.41 5.28
CA ILE B 26 -36.92 9.58 6.22
C ILE B 26 -36.75 11.02 6.70
N SER B 27 -36.94 11.99 5.79
CA SER B 27 -36.85 13.41 6.14
C SER B 27 -37.91 13.81 7.17
N GLY B 28 -39.17 13.49 6.87
CA GLY B 28 -40.28 13.76 7.79
C GLY B 28 -40.16 13.06 9.12
N LEU B 29 -39.78 11.79 9.07
CA LEU B 29 -39.64 10.97 10.28
C LEU B 29 -38.55 11.49 11.21
N ALA B 30 -37.43 11.93 10.64
CA ALA B 30 -36.30 12.42 11.41
C ALA B 30 -36.57 13.76 12.10
N VAL B 31 -37.39 14.60 11.46
CA VAL B 31 -37.78 15.90 12.03
C VAL B 31 -38.73 15.68 13.21
N ALA B 32 -39.77 14.88 12.99
CA ALA B 32 -40.76 14.54 14.02
C ALA B 32 -40.12 13.90 15.24
N HIS B 33 -39.22 12.94 15.01
CA HIS B 33 -38.52 12.27 16.10
C HIS B 33 -37.66 13.23 16.93
N HIS B 34 -36.86 14.06 16.24
CA HIS B 34 -35.93 14.95 16.93
C HIS B 34 -36.65 16.04 17.73
N LEU B 35 -37.82 16.47 17.25
CA LEU B 35 -38.65 17.42 17.99
C LEU B 35 -39.20 16.79 19.27
N ARG B 36 -39.74 15.58 19.14
CA ARG B 36 -40.31 14.86 20.28
C ARG B 36 -39.26 14.42 21.29
N SER B 37 -38.04 14.16 20.81
CA SER B 37 -36.92 13.87 21.70
C SER B 37 -36.42 15.13 22.40
N ARG B 38 -36.68 16.29 21.80
CA ARG B 38 -36.34 17.59 22.38
C ARG B 38 -37.46 18.12 23.30
N GLY B 39 -38.69 17.69 23.04
CA GLY B 39 -39.81 17.97 23.93
C GLY B 39 -40.95 18.80 23.41
N THR B 40 -41.04 18.96 22.09
CA THR B 40 -42.15 19.70 21.48
C THR B 40 -43.11 18.75 20.77
N ASP B 41 -44.41 19.02 20.91
CA ASP B 41 -45.46 18.20 20.30
C ASP B 41 -45.43 18.29 18.79
N ALA B 42 -45.11 17.18 18.14
CA ALA B 42 -45.16 17.08 16.70
C ALA B 42 -46.17 16.03 16.26
N VAL B 43 -46.82 16.28 15.13
CA VAL B 43 -47.75 15.33 14.53
C VAL B 43 -47.39 15.10 13.06
N LEU B 44 -47.17 13.85 12.70
CA LEU B 44 -46.77 13.50 11.34
C LEU B 44 -47.92 12.91 10.54
N LEU B 45 -48.02 13.31 9.28
CA LEU B 45 -49.07 12.83 8.40
C LEU B 45 -48.50 12.28 7.08
N GLU B 46 -48.76 11.00 6.85
CA GLU B 46 -48.33 10.33 5.62
C GLU B 46 -49.54 9.81 4.84
N SER B 47 -49.59 10.17 3.56
CA SER B 47 -50.70 9.79 2.69
C SER B 47 -50.75 8.30 2.38
N SER B 48 -49.59 7.65 2.37
CA SER B 48 -49.51 6.21 2.11
C SER B 48 -50.01 5.36 3.29
N ALA B 49 -50.22 4.08 3.01
CA ALA B 49 -50.65 3.12 4.04
C ALA B 49 -49.49 2.76 4.96
N ARG B 50 -48.30 2.92 4.47
CA ARG B 50 -47.16 2.56 5.27
C ARG B 50 -46.14 3.67 5.26
N LEU B 51 -45.40 3.66 6.34
CA LEU B 51 -44.35 4.59 6.46
C LEU B 51 -43.14 4.05 5.76
N GLY B 52 -42.24 4.99 5.78
CA GLY B 52 -40.95 4.90 5.22
C GLY B 52 -40.90 5.97 4.16
N GLY B 53 -41.34 5.61 3.00
CA GLY B 53 -41.30 6.46 1.86
C GLY B 53 -40.56 5.66 0.80
N ALA B 54 -39.39 6.14 0.38
CA ALA B 54 -38.56 5.44 -0.59
C ALA B 54 -37.87 4.24 0.06
N VAL B 55 -37.63 4.34 1.38
CA VAL B 55 -36.95 3.31 2.16
C VAL B 55 -37.88 2.12 2.44
N GLY B 56 -37.44 0.92 2.04
CA GLY B 56 -38.21 -0.29 2.29
C GLY B 56 -37.50 -1.58 1.94
N THR B 57 -37.45 -2.49 2.92
CA THR B 57 -36.86 -3.80 2.75
C THR B 57 -37.95 -4.85 2.80
N HIS B 58 -38.09 -5.60 1.72
CA HIS B 58 -39.11 -6.64 1.64
C HIS B 58 -38.50 -8.02 1.76
N ALA B 59 -39.04 -8.81 2.69
CA ALA B 59 -38.60 -10.18 2.88
C ALA B 59 -39.40 -11.12 1.99
N LEU B 60 -38.74 -11.66 0.96
CA LEU B 60 -39.36 -12.65 0.07
C LEU B 60 -38.35 -13.56 -0.62
N ALA B 61 -38.77 -14.80 -0.85
CA ALA B 61 -37.97 -15.86 -1.51
C ALA B 61 -36.59 -16.13 -0.88
N GLY B 62 -36.46 -15.83 0.41
CA GLY B 62 -35.20 -16.02 1.12
C GLY B 62 -34.28 -14.81 1.09
N TYR B 63 -34.66 -13.79 0.31
CA TYR B 63 -33.89 -12.57 0.19
C TYR B 63 -34.48 -11.42 1.00
N LEU B 64 -33.64 -10.46 1.37
CA LEU B 64 -34.09 -9.17 1.87
C LEU B 64 -33.79 -8.13 0.82
N VAL B 65 -34.78 -7.81 -0.01
CA VAL B 65 -34.60 -6.85 -1.11
C VAL B 65 -34.98 -5.42 -0.71
N GLU B 66 -34.22 -4.46 -1.23
CA GLU B 66 -34.48 -3.05 -1.00
C GLU B 66 -35.22 -2.44 -2.19
N GLN B 67 -36.32 -1.74 -1.91
CA GLN B 67 -37.14 -1.13 -2.95
C GLN B 67 -36.48 0.12 -3.55
N GLY B 68 -35.66 0.79 -2.75
CA GLY B 68 -34.95 2.00 -3.17
C GLY B 68 -33.53 2.02 -2.63
N PRO B 69 -33.29 2.82 -1.57
CA PRO B 69 -31.97 2.94 -0.95
C PRO B 69 -31.42 1.61 -0.44
N ASN B 70 -30.12 1.41 -0.58
CA ASN B 70 -29.47 0.17 -0.16
C ASN B 70 -28.53 0.34 1.03
N SER B 71 -27.82 1.47 1.08
CA SER B 71 -26.77 1.67 2.07
C SER B 71 -26.50 3.13 2.42
N PHE B 72 -25.60 3.33 3.38
CA PHE B 72 -25.12 4.65 3.76
C PHE B 72 -23.68 4.52 4.22
N LEU B 73 -22.89 5.57 3.98
CA LEU B 73 -21.51 5.60 4.45
C LEU B 73 -21.49 6.04 5.92
N ASP B 74 -20.70 5.34 6.73
CA ASP B 74 -20.65 5.59 8.16
C ASP B 74 -19.74 6.78 8.47
N ARG B 75 -20.03 7.92 7.86
CA ARG B 75 -19.23 9.14 8.04
C ARG B 75 -20.06 10.29 8.63
N GLU B 76 -21.34 10.05 8.86
CA GLU B 76 -22.25 11.09 9.36
C GLU B 76 -22.63 10.87 10.83
N PRO B 77 -22.18 11.78 11.72
CA PRO B 77 -22.49 11.69 13.15
C PRO B 77 -23.99 11.71 13.45
N ALA B 78 -24.75 12.44 12.65
CA ALA B 78 -26.20 12.59 12.85
C ALA B 78 -26.99 11.29 12.71
N THR B 79 -26.55 10.40 11.82
CA THR B 79 -27.21 9.12 11.63
C THR B 79 -26.83 8.14 12.74
N ARG B 80 -25.62 8.31 13.28
CA ARG B 80 -25.19 7.54 14.45
C ARG B 80 -25.98 7.92 15.70
N ALA B 81 -26.22 9.22 15.87
CA ALA B 81 -27.02 9.74 16.98
C ALA B 81 -28.45 9.18 16.97
N LEU B 82 -29.06 9.18 15.78
CA LEU B 82 -30.42 8.65 15.59
C LEU B 82 -30.45 7.14 15.81
N ALA B 83 -29.37 6.46 15.43
CA ALA B 83 -29.24 5.03 15.66
C ALA B 83 -29.13 4.73 17.16
N ALA B 84 -28.43 5.60 17.89
CA ALA B 84 -28.25 5.46 19.33
C ALA B 84 -29.56 5.66 20.08
N ALA B 85 -30.31 6.70 19.70
CA ALA B 85 -31.58 7.04 20.34
C ALA B 85 -32.63 5.93 20.22
N LEU B 86 -32.49 5.08 19.19
CA LEU B 86 -33.37 3.95 18.99
C LEU B 86 -32.63 2.65 19.32
N ASN B 87 -31.43 2.79 19.90
CA ASN B 87 -30.45 1.71 20.04
C ASN B 87 -30.46 0.67 18.91
N LEU B 88 -29.98 1.11 17.75
CA LEU B 88 -29.83 0.25 16.58
C LEU B 88 -28.36 0.10 16.22
N GLU B 89 -27.49 0.76 16.99
CA GLU B 89 -26.04 0.73 16.76
C GLU B 89 -25.48 -0.69 16.69
N GLY B 90 -25.99 -1.57 17.55
CA GLY B 90 -25.60 -2.98 17.55
C GLY B 90 -26.12 -3.73 16.34
N ARG B 91 -27.13 -3.17 15.69
CA ARG B 91 -27.73 -3.78 14.49
C ARG B 91 -27.13 -3.23 13.20
N ILE B 92 -26.20 -2.32 13.31
CA ILE B 92 -25.55 -1.78 12.12
C ILE B 92 -24.62 -2.81 11.51
N ARG B 93 -24.99 -3.30 10.33
CA ARG B 93 -24.28 -4.43 9.73
C ARG B 93 -23.17 -3.93 8.79
N ALA B 94 -21.94 -4.30 9.11
CA ALA B 94 -20.78 -3.50 8.72
C ALA B 94 -20.68 -3.37 7.21
N ALA B 95 -21.54 -4.10 6.50
CA ALA B 95 -21.41 -4.24 5.05
C ALA B 95 -20.03 -4.73 4.65
N ASP B 96 -19.79 -6.03 4.83
CA ASP B 96 -18.43 -6.57 4.75
C ASP B 96 -18.22 -7.31 3.44
N PRO B 97 -18.03 -8.62 3.53
CA PRO B 97 -16.70 -9.22 3.31
C PRO B 97 -15.68 -8.19 2.85
N ALA B 98 -14.54 -8.67 2.37
CA ALA B 98 -13.49 -7.78 1.87
C ALA B 98 -13.61 -7.59 0.36
N ALA B 99 -14.82 -7.78 -0.16
CA ALA B 99 -15.08 -7.57 -1.58
C ALA B 99 -15.23 -6.08 -1.90
N LYS B 100 -14.21 -5.31 -1.55
CA LYS B 100 -14.30 -3.85 -1.61
C LYS B 100 -13.87 -3.23 -2.95
N ARG B 101 -13.70 -4.06 -3.98
CA ARG B 101 -13.42 -3.56 -5.31
C ARG B 101 -14.68 -2.98 -5.96
N ARG B 102 -14.49 -2.02 -6.85
CA ARG B 102 -15.60 -1.41 -7.58
C ARG B 102 -15.31 -1.53 -9.08
N TYR B 103 -16.35 -1.75 -9.88
CA TYR B 103 -16.17 -2.03 -11.31
C TYR B 103 -16.90 -1.05 -12.23
N VAL B 104 -16.27 -0.75 -13.36
CA VAL B 104 -16.88 0.08 -14.40
C VAL B 104 -16.76 -0.66 -15.73
N TYR B 105 -17.87 -0.72 -16.46
CA TYR B 105 -17.86 -1.31 -17.80
C TYR B 105 -17.35 -0.27 -18.80
N THR B 106 -16.14 -0.50 -19.30
CA THR B 106 -15.53 0.39 -20.27
C THR B 106 -14.63 -0.40 -21.22
N ARG B 107 -14.68 -0.06 -22.50
CA ARG B 107 -13.90 -0.72 -23.56
C ARG B 107 -14.08 -2.25 -23.56
N GLY B 108 -15.33 -2.69 -23.71
CA GLY B 108 -15.68 -4.09 -23.92
C GLY B 108 -15.60 -5.04 -22.73
N ARG B 109 -15.33 -4.51 -21.54
CA ARG B 109 -15.03 -5.34 -20.38
C ARG B 109 -15.33 -4.60 -19.07
N LEU B 110 -15.67 -5.36 -18.03
CA LEU B 110 -15.71 -4.81 -16.69
C LEU B 110 -14.28 -4.61 -16.19
N ARG B 111 -14.00 -3.42 -15.69
CA ARG B 111 -12.66 -3.08 -15.21
C ARG B 111 -12.70 -2.52 -13.79
N SER B 112 -11.76 -2.96 -12.96
CA SER B 112 -11.67 -2.53 -11.57
C SER B 112 -11.14 -1.10 -11.47
N VAL B 113 -11.89 -0.23 -10.79
CA VAL B 113 -11.41 1.13 -10.54
C VAL B 113 -10.46 1.10 -9.34
N PRO B 114 -9.20 1.52 -9.55
CA PRO B 114 -8.15 1.47 -8.52
C PRO B 114 -8.42 2.39 -7.36
N ALA B 115 -7.90 2.02 -6.19
CA ALA B 115 -8.19 2.74 -4.95
C ALA B 115 -6.99 3.56 -4.45
N SER B 116 -5.92 3.62 -5.24
CA SER B 116 -4.72 4.37 -4.87
C SER B 116 -4.01 4.94 -6.10
N PRO B 117 -3.40 6.13 -5.96
CA PRO B 117 -2.62 6.77 -7.04
C PRO B 117 -1.60 5.88 -7.75
N PRO B 118 -0.80 5.06 -7.02
CA PRO B 118 0.13 4.18 -7.75
C PRO B 118 -0.57 3.06 -8.53
N ALA B 119 -1.64 2.50 -7.96
CA ALA B 119 -2.41 1.46 -8.62
C ALA B 119 -3.10 1.98 -9.88
N PHE B 120 -3.59 3.22 -9.78
CA PHE B 120 -4.26 3.89 -10.90
C PHE B 120 -3.33 4.09 -12.11
N LEU B 121 -2.09 4.49 -11.86
CA LEU B 121 -1.14 4.77 -12.92
C LEU B 121 -0.74 3.51 -13.71
N ALA B 122 -0.77 2.36 -13.03
CA ALA B 122 -0.46 1.07 -13.65
C ALA B 122 -1.71 0.37 -14.19
N SER B 123 -2.88 0.88 -13.79
CA SER B 123 -4.18 0.31 -14.16
C SER B 123 -4.47 0.40 -15.66
N ASP B 124 -5.43 -0.41 -16.13
CA ASP B 124 -5.86 -0.37 -17.52
C ASP B 124 -7.26 0.23 -17.68
N ILE B 125 -7.72 0.96 -16.67
CA ILE B 125 -9.05 1.56 -16.72
C ILE B 125 -9.14 2.70 -17.74
N LEU B 126 -8.01 3.38 -17.96
CA LEU B 126 -7.91 4.42 -18.97
C LEU B 126 -6.62 4.18 -19.77
N PRO B 127 -6.61 4.55 -21.06
CA PRO B 127 -5.38 4.48 -21.84
C PRO B 127 -4.30 5.38 -21.23
N LEU B 128 -3.04 5.05 -21.49
CA LEU B 128 -1.90 5.70 -20.83
C LEU B 128 -1.95 7.25 -20.86
N GLY B 129 -2.25 7.81 -22.02
CA GLY B 129 -2.36 9.27 -22.18
C GLY B 129 -3.41 9.86 -21.26
N ALA B 130 -4.55 9.19 -21.17
CA ALA B 130 -5.64 9.59 -20.29
C ALA B 130 -5.22 9.56 -18.81
N ARG B 131 -4.45 8.54 -18.44
CA ARG B 131 -3.95 8.38 -17.07
C ARG B 131 -2.97 9.49 -16.70
N LEU B 132 -2.02 9.78 -17.59
CA LEU B 132 -1.05 10.86 -17.38
C LEU B 132 -1.74 12.22 -17.33
N ARG B 133 -2.83 12.36 -18.09
CA ARG B 133 -3.64 13.59 -18.08
C ARG B 133 -4.27 13.84 -16.70
N VAL B 134 -4.68 12.75 -16.03
CA VAL B 134 -5.26 12.83 -14.69
C VAL B 134 -4.20 13.34 -13.68
N ALA B 135 -2.98 12.84 -13.80
CA ALA B 135 -1.85 13.35 -13.02
C ALA B 135 -1.59 14.83 -13.33
N GLY B 136 -1.86 15.23 -14.57
CA GLY B 136 -1.72 16.63 -15.00
C GLY B 136 -2.75 17.57 -14.40
N GLU B 137 -3.66 17.03 -13.59
CA GLU B 137 -4.66 17.82 -12.86
C GLU B 137 -3.98 18.90 -12.03
N LEU B 138 -2.72 18.69 -11.70
CA LEU B 138 -1.90 19.67 -10.97
C LEU B 138 -1.80 21.01 -11.69
N PHE B 139 -2.03 21.00 -12.99
CA PHE B 139 -1.93 22.20 -13.82
C PHE B 139 -3.29 22.67 -14.36
N SER B 140 -4.37 22.30 -13.67
CA SER B 140 -5.73 22.68 -14.07
C SER B 140 -5.86 24.20 -14.19
N ARG B 141 -6.50 24.66 -15.26
CA ARG B 141 -6.82 26.07 -15.41
C ARG B 141 -7.85 26.45 -14.36
N ARG B 142 -7.92 27.72 -14.01
CA ARG B 142 -8.82 28.16 -12.95
C ARG B 142 -10.29 28.11 -13.38
N ALA B 143 -11.19 28.01 -12.40
CA ALA B 143 -12.63 27.88 -12.65
C ALA B 143 -13.19 29.07 -13.44
N PRO B 144 -14.18 28.83 -14.32
CA PRO B 144 -14.86 29.94 -14.98
C PRO B 144 -15.53 30.84 -13.94
N GLU B 145 -15.16 32.12 -13.97
CA GLU B 145 -15.54 33.06 -12.91
C GLU B 145 -17.04 33.34 -12.87
N GLY B 146 -17.65 32.99 -11.74
CA GLY B 146 -19.04 33.31 -11.47
C GLY B 146 -20.06 32.51 -12.25
N VAL B 147 -19.65 31.37 -12.81
CA VAL B 147 -20.61 30.51 -13.52
C VAL B 147 -20.90 29.22 -12.75
N ASP B 148 -22.18 28.83 -12.75
CA ASP B 148 -22.59 27.55 -12.21
C ASP B 148 -22.17 26.47 -13.20
N GLU B 149 -20.92 26.05 -13.07
CA GLU B 149 -20.29 25.09 -13.97
C GLU B 149 -20.94 23.71 -13.87
N SER B 150 -21.12 23.05 -15.01
CA SER B 150 -21.64 21.69 -15.04
C SER B 150 -20.57 20.70 -14.55
N LEU B 151 -21.04 19.56 -14.04
CA LEU B 151 -20.16 18.50 -13.54
C LEU B 151 -19.20 18.01 -14.63
N ALA B 152 -19.71 17.89 -15.86
CA ALA B 152 -18.89 17.44 -16.99
C ALA B 152 -17.85 18.48 -17.40
N ALA B 153 -18.23 19.75 -17.36
CA ALA B 153 -17.30 20.85 -17.61
C ALA B 153 -16.16 20.83 -16.58
N PHE B 154 -16.53 20.71 -15.30
CA PHE B 154 -15.59 20.59 -14.20
C PHE B 154 -14.60 19.45 -14.45
N GLY B 155 -15.14 18.31 -14.89
CA GLY B 155 -14.33 17.13 -15.20
C GLY B 155 -13.32 17.35 -16.31
N ARG B 156 -13.76 17.91 -17.43
CA ARG B 156 -12.87 18.18 -18.55
C ARG B 156 -11.68 19.07 -18.17
N ARG B 157 -11.96 20.12 -17.39
CA ARG B 157 -10.92 21.04 -16.91
C ARG B 157 -9.89 20.37 -15.99
N HIS B 158 -10.38 19.63 -15.00
CA HIS B 158 -9.51 18.99 -14.02
C HIS B 158 -8.91 17.68 -14.52
N LEU B 159 -9.80 16.76 -14.91
CA LEU B 159 -9.48 15.35 -15.09
C LEU B 159 -9.05 14.96 -16.50
N GLY B 160 -9.52 15.72 -17.49
CA GLY B 160 -9.35 15.33 -18.89
C GLY B 160 -10.60 14.61 -19.37
N HIS B 161 -10.78 14.54 -20.68
CA HIS B 161 -12.00 14.05 -21.29
C HIS B 161 -12.37 12.60 -20.99
N ARG B 162 -11.40 11.69 -21.05
CA ARG B 162 -11.65 10.27 -20.81
C ARG B 162 -12.07 9.96 -19.38
N ALA B 163 -11.34 10.55 -18.42
CA ALA B 163 -11.61 10.34 -16.99
C ALA B 163 -13.00 10.83 -16.59
N THR B 164 -13.43 11.97 -17.12
CA THR B 164 -14.76 12.49 -16.83
C THR B 164 -15.83 11.67 -17.55
N GLN B 165 -15.47 11.18 -18.74
CA GLN B 165 -16.39 10.43 -19.58
C GLN B 165 -16.69 9.03 -19.03
N VAL B 166 -15.70 8.38 -18.41
CA VAL B 166 -15.93 7.03 -17.86
C VAL B 166 -16.01 6.97 -16.33
N LEU B 167 -15.12 7.70 -15.63
CA LEU B 167 -15.06 7.64 -14.17
C LEU B 167 -15.99 8.62 -13.45
N LEU B 168 -16.01 9.88 -13.88
CA LEU B 168 -16.86 10.89 -13.25
C LEU B 168 -18.34 10.68 -13.59
N ASP B 169 -18.60 10.24 -14.83
CA ASP B 169 -19.96 9.91 -15.24
C ASP B 169 -20.50 8.70 -14.47
N ALA B 170 -19.63 7.74 -14.19
CA ALA B 170 -19.98 6.59 -13.35
C ALA B 170 -20.35 7.03 -11.94
N VAL B 171 -19.50 7.89 -11.35
CA VAL B 171 -19.71 8.38 -9.99
C VAL B 171 -21.07 9.07 -9.81
N GLN B 172 -21.45 9.94 -10.75
CA GLN B 172 -22.75 10.62 -10.67
C GLN B 172 -23.91 9.65 -10.92
N THR B 173 -23.73 8.70 -11.83
CA THR B 173 -24.75 7.69 -12.11
C THR B 173 -25.07 6.92 -10.82
N GLY B 174 -24.03 6.55 -10.08
CA GLY B 174 -24.18 5.82 -8.82
C GLY B 174 -24.90 6.58 -7.72
N ILE B 175 -24.85 7.91 -7.77
CA ILE B 175 -25.48 8.75 -6.74
C ILE B 175 -26.80 9.38 -7.20
N TYR B 176 -26.82 9.93 -8.41
CA TYR B 176 -27.96 10.73 -8.88
C TYR B 176 -28.77 10.10 -10.03
N ALA B 177 -28.19 9.10 -10.69
CA ALA B 177 -28.76 8.56 -11.92
C ALA B 177 -29.13 9.70 -12.87
N GLY B 178 -28.17 10.57 -13.13
CA GLY B 178 -28.43 11.81 -13.86
C GLY B 178 -27.63 12.03 -15.12
N ASP B 179 -27.77 13.23 -15.68
CA ASP B 179 -27.03 13.66 -16.85
C ASP B 179 -25.82 14.43 -16.37
N VAL B 180 -24.63 13.95 -16.74
CA VAL B 180 -23.37 14.57 -16.31
C VAL B 180 -23.22 16.00 -16.86
N GLU B 181 -23.89 16.27 -17.98
CA GLU B 181 -23.85 17.57 -18.63
C GLU B 181 -24.79 18.58 -17.99
N GLN B 182 -25.76 18.08 -17.22
CA GLN B 182 -26.78 18.95 -16.62
C GLN B 182 -26.53 19.28 -15.16
N LEU B 183 -25.90 18.34 -14.45
CA LEU B 183 -25.67 18.48 -13.01
C LEU B 183 -24.73 19.65 -12.69
N SER B 184 -25.07 20.38 -11.64
CA SER B 184 -24.23 21.46 -11.11
C SER B 184 -23.24 20.85 -10.12
N VAL B 185 -21.95 21.05 -10.38
CA VAL B 185 -20.88 20.51 -9.53
C VAL B 185 -20.91 21.15 -8.13
N ALA B 186 -21.27 22.44 -8.09
CA ALA B 186 -21.42 23.18 -6.84
C ALA B 186 -22.57 22.65 -5.98
N ALA B 187 -23.62 22.16 -6.64
CA ALA B 187 -24.81 21.62 -5.96
C ALA B 187 -24.68 20.16 -5.59
N THR B 188 -23.90 19.41 -6.36
CA THR B 188 -23.76 17.95 -6.14
C THR B 188 -22.52 17.57 -5.33
N PHE B 189 -21.39 18.24 -5.60
CA PHE B 189 -20.14 17.97 -4.87
C PHE B 189 -19.56 19.26 -4.28
N PRO B 190 -20.15 19.74 -3.16
CA PRO B 190 -19.75 21.03 -2.58
C PRO B 190 -18.30 21.07 -2.10
N MET B 191 -17.80 19.95 -1.57
CA MET B 191 -16.42 19.89 -1.05
C MET B 191 -15.36 20.02 -2.14
N LEU B 192 -15.65 19.50 -3.34
CA LEU B 192 -14.74 19.62 -4.48
C LEU B 192 -14.61 21.05 -4.97
N VAL B 193 -15.73 21.79 -4.95
CA VAL B 193 -15.76 23.20 -5.32
C VAL B 193 -15.04 24.06 -4.26
N LYS B 194 -15.16 23.65 -3.00
CA LYS B 194 -14.46 24.32 -1.90
C LYS B 194 -12.94 24.16 -2.03
N MET B 195 -12.50 22.95 -2.36
CA MET B 195 -11.08 22.68 -2.61
C MET B 195 -10.54 23.35 -3.86
N GLU B 196 -11.41 23.50 -4.86
CA GLU B 196 -11.06 24.19 -6.09
C GLU B 196 -10.81 25.66 -5.77
N ARG B 197 -11.70 26.24 -4.96
CA ARG B 197 -11.58 27.64 -4.55
C ARG B 197 -10.27 27.89 -3.79
N GLU B 198 -9.94 26.99 -2.88
CA GLU B 198 -8.82 27.17 -1.97
C GLU B 198 -7.45 26.82 -2.56
N HIS B 199 -7.43 25.86 -3.49
CA HIS B 199 -6.17 25.28 -3.95
C HIS B 199 -6.00 25.16 -5.47
N ARG B 200 -7.08 25.41 -6.21
CA ARG B 200 -7.11 25.26 -7.67
C ARG B 200 -7.03 23.80 -8.13
N SER B 201 -5.95 23.12 -7.75
CA SER B 201 -5.78 21.71 -8.05
C SER B 201 -6.26 20.86 -6.89
N LEU B 202 -6.96 19.78 -7.21
CA LEU B 202 -7.48 18.82 -6.22
C LEU B 202 -6.36 17.95 -5.66
N ILE B 203 -5.45 17.52 -6.52
CA ILE B 203 -4.25 16.79 -6.11
C ILE B 203 -3.46 17.65 -5.11
N LEU B 204 -3.27 18.92 -5.46
CA LEU B 204 -2.56 19.88 -4.61
C LEU B 204 -3.29 20.12 -3.30
N GLY B 205 -4.61 20.18 -3.35
CA GLY B 205 -5.44 20.27 -2.16
C GLY B 205 -5.26 19.07 -1.23
N ALA B 206 -5.26 17.88 -1.82
CA ALA B 206 -5.10 16.64 -1.06
C ALA B 206 -3.73 16.51 -0.38
N ILE B 207 -2.67 16.88 -1.10
CA ILE B 207 -1.31 16.84 -0.55
C ILE B 207 -1.18 17.79 0.64
N ARG B 208 -1.72 19.00 0.49
CA ARG B 208 -1.67 20.00 1.54
C ARG B 208 -2.54 19.63 2.75
N ALA B 209 -3.66 18.97 2.50
CA ALA B 209 -4.54 18.50 3.57
C ALA B 209 -3.86 17.38 4.36
N GLN B 210 -3.21 16.47 3.63
CA GLN B 210 -2.46 15.37 4.23
C GLN B 210 -1.32 15.88 5.11
N LYS B 211 -0.71 16.99 4.70
CA LYS B 211 0.35 17.63 5.47
C LYS B 211 -0.20 18.29 6.74
N ALA B 212 -1.44 18.79 6.64
CA ALA B 212 -2.09 19.49 7.76
C ALA B 212 -2.50 18.56 8.90
N GLN B 213 -3.01 17.38 8.57
CA GLN B 213 -3.37 16.38 9.58
C GLN B 213 -2.14 15.70 10.17
N ARG B 214 -1.08 15.57 9.37
CA ARG B 214 0.20 15.02 9.81
C ARG B 214 0.90 15.98 10.79
N GLN B 215 0.45 17.23 10.81
CA GLN B 215 0.97 18.24 11.73
C GLN B 215 0.15 18.30 13.02
N ALA B 216 -1.18 18.36 12.88
CA ALA B 216 -2.09 18.43 14.03
C ALA B 216 -2.57 17.03 14.45
N PRO B 224 -15.76 9.02 19.42
CA PRO B 224 -15.29 7.84 18.70
C PRO B 224 -15.29 8.07 17.18
N LYS B 225 -14.09 8.11 16.59
CA LYS B 225 -13.93 8.41 15.17
C LYS B 225 -14.50 7.30 14.27
N LEU B 226 -15.27 7.72 13.26
CA LEU B 226 -16.05 6.80 12.43
C LEU B 226 -15.25 6.18 11.27
N SER B 227 -15.66 4.98 10.86
CA SER B 227 -14.94 4.21 9.86
C SER B 227 -15.14 4.68 8.42
N GLY B 228 -16.34 5.20 8.13
CA GLY B 228 -16.68 5.64 6.77
C GLY B 228 -17.01 4.49 5.83
N ALA B 229 -17.18 3.30 6.39
CA ALA B 229 -17.48 2.10 5.61
C ALA B 229 -18.92 2.05 5.15
N LEU B 230 -19.15 1.44 4.00
CA LEU B 230 -20.49 1.24 3.45
C LEU B 230 -21.29 0.32 4.38
N SER B 231 -22.42 0.83 4.87
CA SER B 231 -23.16 0.17 5.95
C SER B 231 -24.66 0.09 5.71
N THR B 232 -25.30 -0.82 6.45
CA THR B 232 -26.76 -0.93 6.50
C THR B 232 -27.17 -1.42 7.90
N PHE B 233 -28.37 -1.96 8.03
CA PHE B 233 -28.82 -2.61 9.27
C PHE B 233 -29.11 -4.08 9.01
N ASP B 234 -28.96 -4.92 10.03
CA ASP B 234 -29.00 -6.39 9.88
C ASP B 234 -30.22 -6.95 9.13
N GLY B 235 -31.35 -6.25 9.20
CA GLY B 235 -32.55 -6.65 8.47
C GLY B 235 -32.91 -5.66 7.38
N GLY B 236 -31.90 -5.17 6.67
CA GLY B 236 -32.09 -4.11 5.68
C GLY B 236 -32.33 -2.76 6.33
N LEU B 237 -32.72 -1.78 5.53
CA LEU B 237 -32.96 -0.43 6.04
C LEU B 237 -34.34 -0.26 6.70
N GLN B 238 -35.20 -1.27 6.57
CA GLN B 238 -36.52 -1.27 7.23
C GLN B 238 -36.41 -1.22 8.76
N VAL B 239 -35.32 -1.76 9.28
CA VAL B 239 -35.02 -1.75 10.72
C VAL B 239 -35.07 -0.32 11.29
N LEU B 240 -34.53 0.63 10.53
CA LEU B 240 -34.56 2.04 10.92
C LEU B 240 -35.98 2.60 10.89
N ILE B 241 -36.72 2.24 9.83
CA ILE B 241 -38.10 2.70 9.64
C ILE B 241 -39.05 2.15 10.71
N ASP B 242 -38.92 0.86 11.02
CA ASP B 242 -39.71 0.20 12.05
C ASP B 242 -39.49 0.82 13.43
N ALA B 243 -38.24 1.12 13.74
CA ALA B 243 -37.87 1.77 15.00
C ALA B 243 -38.48 3.17 15.11
N LEU B 244 -38.48 3.91 14.00
CA LEU B 244 -39.09 5.24 13.96
C LEU B 244 -40.60 5.18 14.21
N ALA B 245 -41.27 4.28 13.49
CA ALA B 245 -42.71 4.08 13.62
C ALA B 245 -43.11 3.74 15.05
N ALA B 246 -42.36 2.83 15.67
CA ALA B 246 -42.62 2.42 17.04
C ALA B 246 -42.36 3.56 18.04
N SER B 247 -41.30 4.33 17.79
CA SER B 247 -40.94 5.47 18.64
C SER B 247 -41.96 6.60 18.59
N LEU B 248 -42.59 6.79 17.43
CA LEU B 248 -43.56 7.86 17.25
C LEU B 248 -44.98 7.43 17.61
N GLY B 249 -45.32 6.17 17.31
CA GLY B 249 -46.59 5.56 17.71
C GLY B 249 -47.83 6.26 17.20
N ASP B 250 -48.48 7.02 18.09
CA ASP B 250 -49.73 7.73 17.76
C ASP B 250 -49.51 9.08 17.10
N ALA B 251 -48.33 9.67 17.32
CA ALA B 251 -47.99 10.99 16.76
C ALA B 251 -47.86 10.97 15.23
N ALA B 252 -47.63 9.79 14.67
CA ALA B 252 -47.55 9.60 13.22
C ALA B 252 -48.82 8.94 12.72
N HIS B 253 -49.38 9.47 11.63
CA HIS B 253 -50.64 8.97 11.08
C HIS B 253 -50.49 8.59 9.61
N VAL B 254 -50.71 7.31 9.32
CA VAL B 254 -50.71 6.80 7.95
C VAL B 254 -52.09 6.98 7.31
N GLY B 255 -52.14 6.99 5.98
CA GLY B 255 -53.38 7.22 5.24
C GLY B 255 -53.99 8.59 5.52
N ALA B 256 -53.13 9.57 5.79
CA ALA B 256 -53.55 10.93 6.10
C ALA B 256 -52.99 11.92 5.07
N ARG B 257 -53.74 12.10 3.99
CA ARG B 257 -53.32 12.96 2.89
C ARG B 257 -53.65 14.43 3.16
N VAL B 258 -52.64 15.29 3.14
CA VAL B 258 -52.84 16.72 3.28
C VAL B 258 -53.15 17.32 1.91
N GLU B 259 -54.27 18.04 1.83
CA GLU B 259 -54.75 18.59 0.57
C GLU B 259 -54.94 20.11 0.59
N GLY B 260 -54.79 20.72 1.76
CA GLY B 260 -54.97 22.16 1.90
C GLY B 260 -54.12 22.79 2.98
N LEU B 261 -53.38 23.84 2.62
CA LEU B 261 -52.59 24.60 3.57
C LEU B 261 -53.06 26.06 3.56
N ALA B 262 -53.55 26.53 4.69
CA ALA B 262 -54.09 27.88 4.80
C ALA B 262 -53.62 28.61 6.05
N ARG B 263 -53.44 29.92 5.93
CA ARG B 263 -53.02 30.77 7.04
C ARG B 263 -54.20 31.11 7.95
N GLU B 264 -53.93 31.21 9.25
CA GLU B 264 -54.92 31.66 10.23
C GLU B 264 -54.21 32.44 11.36
N ASP B 265 -54.97 32.68 12.41
CA ASP B 265 -54.57 33.46 13.58
C ASP B 265 -53.17 33.20 14.10
N GLY B 266 -53.01 32.42 15.13
CA GLY B 266 -51.66 32.18 15.61
C GLY B 266 -51.14 30.92 14.92
N GLY B 267 -51.62 30.69 13.70
CA GLY B 267 -51.16 29.47 13.07
C GLY B 267 -51.40 29.21 11.57
N TRP B 268 -51.58 27.91 11.34
CA TRP B 268 -51.76 27.27 10.05
C TRP B 268 -52.83 26.17 10.15
N ARG B 269 -53.80 26.17 9.22
CA ARG B 269 -54.87 25.19 9.24
C ARG B 269 -54.74 24.20 8.08
N LEU B 270 -54.51 22.93 8.43
CA LEU B 270 -54.35 21.87 7.44
C LEU B 270 -55.68 21.20 7.13
N ILE B 271 -55.88 20.87 5.85
CA ILE B 271 -57.04 20.10 5.43
C ILE B 271 -56.57 18.69 5.06
N ILE B 272 -57.01 17.72 5.86
CA ILE B 272 -56.52 16.35 5.80
C ILE B 272 -57.63 15.39 5.39
N GLU B 273 -57.31 14.47 4.47
CA GLU B 273 -58.20 13.36 4.15
C GLU B 273 -57.73 12.08 4.84
N GLU B 274 -58.45 11.71 5.91
CA GLU B 274 -58.33 10.40 6.55
C GLU B 274 -59.65 9.67 6.34
N HIS B 275 -59.58 8.54 5.65
CA HIS B 275 -60.77 7.80 5.18
C HIS B 275 -61.55 8.59 4.12
N GLY B 276 -61.70 9.89 4.33
CA GLY B 276 -62.24 10.78 3.32
C GLY B 276 -63.75 10.74 3.26
N ARG B 277 -64.39 11.15 4.35
CA ARG B 277 -64.52 12.56 4.67
C ARG B 277 -63.15 13.21 4.83
N ARG B 278 -63.15 14.55 4.92
CA ARG B 278 -61.94 15.29 5.28
C ARG B 278 -62.05 15.83 6.71
N ALA B 279 -60.93 16.26 7.25
CA ALA B 279 -60.90 16.87 8.59
C ALA B 279 -59.90 18.02 8.64
N GLU B 280 -60.00 18.84 9.69
CA GLU B 280 -59.15 20.03 9.82
C GLU B 280 -58.32 20.01 11.10
N LEU B 281 -57.06 20.42 10.98
CA LEU B 281 -56.14 20.46 12.11
C LEU B 281 -55.50 21.85 12.21
N SER B 282 -55.37 22.35 13.44
CA SER B 282 -54.73 23.63 13.70
C SER B 282 -53.41 23.47 14.44
N VAL B 283 -52.36 24.06 13.88
CA VAL B 283 -51.02 24.01 14.46
C VAL B 283 -50.32 25.36 14.35
N ALA B 284 -49.29 25.56 15.16
CA ALA B 284 -48.52 26.79 15.13
C ALA B 284 -47.57 26.83 13.93
N GLN B 285 -46.96 25.68 13.63
CA GLN B 285 -45.93 25.58 12.58
C GLN B 285 -46.05 24.31 11.74
N VAL B 286 -45.82 24.46 10.44
CA VAL B 286 -45.92 23.34 9.50
C VAL B 286 -44.58 23.07 8.82
N VAL B 287 -44.15 21.81 8.84
CA VAL B 287 -42.97 21.37 8.10
C VAL B 287 -43.40 20.47 6.95
N LEU B 288 -43.14 20.92 5.72
CA LEU B 288 -43.45 20.14 4.52
C LEU B 288 -42.27 19.26 4.14
N ALA B 289 -42.44 17.95 4.30
CA ALA B 289 -41.38 16.98 4.06
C ALA B 289 -41.67 16.12 2.83
N ALA B 290 -42.71 16.50 2.09
CA ALA B 290 -43.13 15.79 0.88
C ALA B 290 -42.20 16.08 -0.28
N PRO B 291 -42.25 15.26 -1.35
CA PRO B 291 -41.49 15.54 -2.58
C PRO B 291 -41.88 16.88 -3.21
N ALA B 292 -41.03 17.38 -4.11
CA ALA B 292 -41.18 18.74 -4.67
C ALA B 292 -42.55 19.03 -5.29
N HIS B 293 -43.04 18.12 -6.13
CA HIS B 293 -44.33 18.32 -6.82
C HIS B 293 -45.49 18.38 -5.82
N ALA B 294 -45.43 17.53 -4.79
CA ALA B 294 -46.45 17.45 -3.77
C ALA B 294 -46.45 18.68 -2.87
N THR B 295 -45.26 19.17 -2.57
CA THR B 295 -45.08 20.38 -1.77
C THR B 295 -45.55 21.60 -2.56
N ALA B 296 -45.23 21.63 -3.86
CA ALA B 296 -45.59 22.74 -4.74
C ALA B 296 -47.10 22.93 -4.85
N LYS B 297 -47.84 21.83 -4.98
CA LYS B 297 -49.30 21.85 -5.09
C LYS B 297 -49.95 22.55 -3.90
N LEU B 298 -49.39 22.32 -2.71
CA LEU B 298 -49.90 22.92 -1.47
C LEU B 298 -49.52 24.40 -1.33
N LEU B 299 -48.38 24.78 -1.91
CA LEU B 299 -47.89 26.16 -1.82
C LEU B 299 -48.58 27.13 -2.80
N ARG B 300 -49.15 26.57 -3.87
CA ARG B 300 -49.77 27.38 -4.94
C ARG B 300 -50.73 28.49 -4.48
N PRO B 301 -51.75 28.18 -3.65
CA PRO B 301 -52.65 29.23 -3.20
C PRO B 301 -52.07 30.18 -2.15
N LEU B 302 -50.87 29.89 -1.66
CA LEU B 302 -50.19 30.77 -0.70
C LEU B 302 -49.24 31.73 -1.39
N ASP B 303 -48.43 31.20 -2.29
CA ASP B 303 -47.45 31.97 -3.05
C ASP B 303 -47.18 31.24 -4.37
N ASP B 304 -47.71 31.82 -5.45
CA ASP B 304 -47.65 31.19 -6.77
C ASP B 304 -46.23 31.07 -7.32
N ALA B 305 -45.39 32.05 -6.99
CA ALA B 305 -44.01 32.09 -7.47
C ALA B 305 -43.13 31.06 -6.74
N LEU B 306 -43.29 30.98 -5.42
CA LEU B 306 -42.60 29.99 -4.59
C LEU B 306 -42.93 28.58 -5.08
N ALA B 307 -44.21 28.33 -5.32
CA ALA B 307 -44.69 27.05 -5.82
C ALA B 307 -44.04 26.68 -7.14
N ALA B 308 -43.91 27.67 -8.03
CA ALA B 308 -43.30 27.48 -9.35
C ALA B 308 -41.84 27.08 -9.26
N LEU B 309 -41.12 27.68 -8.30
CA LEU B 309 -39.71 27.39 -8.08
C LEU B 309 -39.49 25.95 -7.60
N VAL B 310 -40.33 25.51 -6.66
CA VAL B 310 -40.25 24.15 -6.10
C VAL B 310 -40.66 23.12 -7.15
N ALA B 311 -41.70 23.43 -7.92
CA ALA B 311 -42.16 22.57 -9.01
C ALA B 311 -41.09 22.39 -10.09
N GLY B 312 -40.20 23.38 -10.21
CA GLY B 312 -39.13 23.35 -11.20
C GLY B 312 -38.00 22.37 -10.92
N ILE B 313 -37.96 21.82 -9.70
CA ILE B 313 -36.96 20.82 -9.36
C ILE B 313 -37.28 19.51 -10.07
N ALA B 314 -36.43 19.14 -11.02
CA ALA B 314 -36.64 17.95 -11.84
C ALA B 314 -36.34 16.68 -11.08
N TYR B 315 -37.00 15.59 -11.49
CA TYR B 315 -36.78 14.27 -10.90
C TYR B 315 -36.50 13.27 -12.02
N ALA B 316 -35.48 12.43 -11.82
CA ALA B 316 -35.16 11.38 -12.78
C ALA B 316 -35.84 10.06 -12.40
N PRO B 317 -36.64 9.50 -13.31
CA PRO B 317 -37.28 8.20 -13.06
C PRO B 317 -36.24 7.08 -12.94
N ILE B 318 -36.55 6.09 -12.11
CA ILE B 318 -35.64 4.96 -11.88
C ILE B 318 -36.39 3.67 -11.54
N ALA B 319 -35.92 2.55 -12.10
CA ALA B 319 -36.48 1.25 -11.81
C ALA B 319 -35.40 0.27 -11.34
N VAL B 320 -35.66 -0.37 -10.21
CA VAL B 320 -34.74 -1.36 -9.67
C VAL B 320 -35.26 -2.78 -9.93
N VAL B 321 -34.45 -3.58 -10.62
CA VAL B 321 -34.81 -4.96 -10.93
C VAL B 321 -33.93 -5.91 -10.12
N HIS B 322 -34.56 -6.68 -9.24
CA HIS B 322 -33.86 -7.67 -8.44
C HIS B 322 -33.88 -9.02 -9.14
N LEU B 323 -32.69 -9.61 -9.30
CA LEU B 323 -32.58 -10.93 -9.89
C LEU B 323 -31.87 -11.89 -8.93
N GLY B 324 -32.56 -12.98 -8.59
CA GLY B 324 -32.04 -13.95 -7.62
C GLY B 324 -31.64 -15.26 -8.27
N PHE B 325 -30.57 -15.86 -7.75
CA PHE B 325 -30.03 -17.09 -8.33
C PHE B 325 -29.76 -18.14 -7.26
N ASP B 326 -29.97 -19.40 -7.61
CA ASP B 326 -29.74 -20.54 -6.70
C ASP B 326 -28.25 -20.73 -6.38
N ALA B 327 -27.98 -21.51 -5.33
CA ALA B 327 -26.65 -21.59 -4.70
C ALA B 327 -25.44 -21.80 -5.61
N GLY B 328 -25.52 -22.75 -6.54
CA GLY B 328 -24.36 -23.10 -7.35
C GLY B 328 -24.49 -22.85 -8.85
N THR B 329 -25.55 -22.14 -9.24
CA THR B 329 -25.83 -21.89 -10.66
C THR B 329 -24.85 -20.91 -11.31
N LEU B 330 -24.18 -20.10 -10.49
CA LEU B 330 -23.22 -19.10 -10.96
C LEU B 330 -22.25 -18.70 -9.84
N PRO B 331 -21.07 -18.14 -10.20
CA PRO B 331 -20.13 -17.71 -9.16
C PRO B 331 -20.61 -16.43 -8.47
N ALA B 332 -20.28 -16.29 -7.19
CA ALA B 332 -20.56 -15.05 -6.46
C ALA B 332 -19.74 -13.94 -7.08
N PRO B 333 -20.40 -12.83 -7.48
CA PRO B 333 -19.70 -11.72 -8.13
C PRO B 333 -18.75 -11.00 -7.16
N ASP B 334 -17.63 -10.53 -7.70
CA ASP B 334 -16.64 -9.80 -6.91
C ASP B 334 -17.01 -8.33 -6.80
N GLY B 335 -16.73 -7.75 -5.63
CA GLY B 335 -16.89 -6.31 -5.41
C GLY B 335 -18.33 -5.86 -5.17
N PHE B 336 -18.46 -4.59 -4.78
CA PHE B 336 -19.75 -4.00 -4.44
C PHE B 336 -20.75 -4.03 -5.59
N GLY B 337 -20.25 -3.86 -6.80
CA GLY B 337 -21.07 -3.84 -8.00
C GLY B 337 -20.38 -3.13 -9.14
N PHE B 338 -21.12 -2.89 -10.21
CA PHE B 338 -20.57 -2.17 -11.36
C PHE B 338 -21.48 -1.05 -11.86
N LEU B 339 -20.87 -0.15 -12.62
CA LEU B 339 -21.57 0.98 -13.24
C LEU B 339 -21.20 1.04 -14.71
N VAL B 340 -22.11 1.57 -15.53
CA VAL B 340 -21.84 1.75 -16.94
C VAL B 340 -22.06 3.20 -17.39
N PRO B 341 -21.00 3.82 -17.97
CA PRO B 341 -21.06 5.19 -18.50
C PRO B 341 -22.08 5.32 -19.61
N ALA B 342 -22.64 6.52 -19.78
CA ALA B 342 -23.64 6.79 -20.81
C ALA B 342 -23.09 6.57 -22.21
N GLU B 343 -21.80 6.84 -22.40
CA GLU B 343 -21.17 6.71 -23.72
C GLU B 343 -21.14 5.27 -24.26
N GLU B 344 -21.30 4.30 -23.36
CA GLU B 344 -21.37 2.89 -23.73
C GLU B 344 -22.73 2.54 -24.36
N GLN B 345 -23.70 3.44 -24.16
CA GLN B 345 -25.03 3.34 -24.79
C GLN B 345 -25.75 2.03 -24.48
N ARG B 346 -25.79 1.69 -23.20
CA ARG B 346 -26.48 0.49 -22.75
C ARG B 346 -27.81 0.85 -22.07
N ARG B 347 -28.69 -0.15 -21.93
CA ARG B 347 -30.04 0.11 -21.41
C ARG B 347 -30.12 -0.02 -19.90
N MET B 348 -28.98 -0.31 -19.26
CA MET B 348 -28.90 -0.47 -17.81
C MET B 348 -27.84 0.47 -17.24
N LEU B 349 -28.11 1.00 -16.05
CA LEU B 349 -27.21 1.96 -15.39
C LEU B 349 -26.06 1.29 -14.65
N GLY B 350 -26.32 0.11 -14.11
CA GLY B 350 -25.36 -0.62 -13.30
C GLY B 350 -26.09 -1.61 -12.41
N ALA B 351 -25.34 -2.28 -11.56
CA ALA B 351 -25.91 -3.29 -10.68
C ALA B 351 -25.14 -3.36 -9.37
N ILE B 352 -25.86 -3.66 -8.30
CA ILE B 352 -25.27 -3.86 -6.99
C ILE B 352 -25.22 -5.36 -6.70
N HIS B 353 -24.03 -5.85 -6.35
CA HIS B 353 -23.88 -7.20 -5.83
C HIS B 353 -24.28 -7.18 -4.36
N ALA B 354 -25.59 -7.24 -4.12
CA ALA B 354 -26.17 -7.06 -2.80
C ALA B 354 -25.77 -8.15 -1.80
N SER B 355 -25.77 -9.40 -2.25
CA SER B 355 -25.42 -10.54 -1.40
C SER B 355 -23.92 -10.57 -1.09
N THR B 356 -23.11 -10.19 -2.06
CA THR B 356 -21.65 -10.11 -1.87
C THR B 356 -21.30 -9.01 -0.85
N THR B 357 -22.03 -7.90 -0.93
CA THR B 357 -21.84 -6.78 -0.01
C THR B 357 -22.45 -7.10 1.36
N PHE B 358 -23.67 -7.63 1.37
CA PHE B 358 -24.36 -8.01 2.60
C PHE B 358 -24.89 -9.44 2.47
N PRO B 359 -24.12 -10.44 2.95
CA PRO B 359 -24.51 -11.85 2.86
C PRO B 359 -25.78 -12.17 3.66
N PHE B 360 -25.94 -11.50 4.81
CA PHE B 360 -27.10 -11.70 5.69
C PHE B 360 -28.44 -11.32 5.06
N ARG B 361 -28.40 -10.82 3.83
CA ARG B 361 -29.59 -10.44 3.09
C ARG B 361 -29.97 -11.51 2.05
N ALA B 362 -29.23 -12.62 2.06
CA ALA B 362 -29.53 -13.78 1.23
C ALA B 362 -29.12 -15.06 1.95
N GLU B 363 -30.11 -15.83 2.41
CA GLU B 363 -29.84 -17.08 3.09
C GLU B 363 -29.62 -18.23 2.11
N GLY B 364 -28.90 -19.26 2.55
CA GLY B 364 -28.68 -20.48 1.77
C GLY B 364 -27.74 -20.32 0.59
N GLY B 365 -26.81 -19.37 0.70
CA GLY B 365 -25.80 -19.13 -0.34
C GLY B 365 -26.35 -18.72 -1.70
N ARG B 366 -27.43 -17.95 -1.69
CA ARG B 366 -28.03 -17.45 -2.93
C ARG B 366 -27.35 -16.16 -3.38
N VAL B 367 -27.49 -15.84 -4.66
CA VAL B 367 -26.84 -14.66 -5.25
C VAL B 367 -27.88 -13.62 -5.70
N LEU B 368 -27.81 -12.43 -5.11
CA LEU B 368 -28.74 -11.34 -5.42
C LEU B 368 -28.05 -10.22 -6.22
N TYR B 369 -28.53 -9.99 -7.44
CA TYR B 369 -28.18 -8.81 -8.21
C TYR B 369 -29.33 -7.81 -8.12
N SER B 370 -29.01 -6.59 -7.73
CA SER B 370 -29.98 -5.49 -7.78
C SER B 370 -29.62 -4.51 -8.88
N CYS B 371 -30.28 -4.66 -10.02
CA CYS B 371 -30.00 -3.86 -11.21
C CYS B 371 -30.76 -2.55 -11.23
N MET B 372 -30.12 -1.51 -11.76
CA MET B 372 -30.71 -0.17 -11.85
C MET B 372 -30.94 0.24 -13.31
N VAL B 373 -32.16 0.71 -13.59
CA VAL B 373 -32.57 1.01 -14.96
C VAL B 373 -33.25 2.38 -15.04
N GLY B 374 -32.91 3.16 -16.05
CA GLY B 374 -33.56 4.44 -16.32
C GLY B 374 -32.66 5.66 -16.19
N GLY B 375 -33.01 6.55 -15.28
CA GLY B 375 -32.25 7.77 -15.07
C GLY B 375 -32.63 8.90 -16.00
N ALA B 376 -31.97 10.04 -15.83
CA ALA B 376 -32.26 11.28 -16.55
C ALA B 376 -32.16 11.16 -18.07
N ARG B 377 -31.32 10.24 -18.56
CA ARG B 377 -31.14 10.04 -20.00
C ARG B 377 -31.95 8.90 -20.59
N GLN B 378 -32.56 8.09 -19.71
CA GLN B 378 -33.36 6.94 -20.15
C GLN B 378 -34.73 6.91 -19.44
N PRO B 379 -35.45 8.05 -19.40
CA PRO B 379 -36.63 8.09 -18.53
C PRO B 379 -37.77 7.18 -19.02
N GLY B 380 -37.85 6.96 -20.32
CA GLY B 380 -38.90 6.16 -20.93
C GLY B 380 -38.95 4.71 -20.48
N LEU B 381 -37.78 4.11 -20.27
CA LEU B 381 -37.66 2.71 -19.91
C LEU B 381 -38.42 2.32 -18.62
N VAL B 382 -38.60 3.28 -17.72
CA VAL B 382 -39.27 3.04 -16.44
C VAL B 382 -40.78 2.85 -16.61
N GLU B 383 -41.32 3.25 -17.76
CA GLU B 383 -42.74 3.10 -18.06
C GLU B 383 -43.12 1.71 -18.56
N GLN B 384 -42.12 0.86 -18.79
CA GLN B 384 -42.33 -0.48 -19.35
C GLN B 384 -42.92 -1.47 -18.34
N ASP B 385 -43.34 -2.62 -18.86
CA ASP B 385 -43.89 -3.73 -18.06
C ASP B 385 -42.93 -4.20 -16.97
N GLU B 386 -43.49 -4.82 -15.94
CA GLU B 386 -42.72 -5.54 -14.93
C GLU B 386 -41.85 -6.62 -15.60
N ASP B 387 -42.42 -7.30 -16.59
CA ASP B 387 -41.75 -8.39 -17.30
C ASP B 387 -40.70 -7.90 -18.29
N ALA B 388 -40.97 -6.77 -18.94
CA ALA B 388 -40.06 -6.17 -19.92
C ALA B 388 -38.76 -5.67 -19.27
N LEU B 389 -38.88 -5.12 -18.06
CA LEU B 389 -37.73 -4.65 -17.30
C LEU B 389 -36.87 -5.81 -16.81
N ALA B 390 -37.52 -6.92 -16.46
CA ALA B 390 -36.82 -8.14 -16.08
C ALA B 390 -36.06 -8.72 -17.28
N ALA B 391 -36.68 -8.69 -18.45
CA ALA B 391 -36.06 -9.15 -19.67
C ALA B 391 -34.87 -8.27 -20.09
N LEU B 392 -35.01 -6.97 -19.83
CA LEU B 392 -33.96 -6.00 -20.13
C LEU B 392 -32.75 -6.22 -19.23
N ALA B 393 -33.02 -6.35 -17.92
CA ALA B 393 -31.97 -6.57 -16.93
C ALA B 393 -31.15 -7.83 -17.22
N ARG B 394 -31.85 -8.89 -17.66
CA ARG B 394 -31.22 -10.16 -18.02
C ARG B 394 -30.28 -10.02 -19.22
N GLU B 395 -30.74 -9.32 -20.25
CA GLU B 395 -29.94 -9.10 -21.46
C GLU B 395 -28.69 -8.29 -21.17
N GLU B 396 -28.82 -7.28 -20.32
CA GLU B 396 -27.69 -6.41 -20.00
C GLU B 396 -26.65 -7.07 -19.09
N LEU B 397 -27.13 -7.80 -18.08
CA LEU B 397 -26.23 -8.60 -17.22
C LEU B 397 -25.46 -9.65 -18.02
N LYS B 398 -26.10 -10.18 -19.07
CA LYS B 398 -25.47 -11.17 -19.95
C LYS B 398 -24.36 -10.54 -20.79
N ALA B 399 -24.68 -9.43 -21.44
CA ALA B 399 -23.76 -8.77 -22.37
C ALA B 399 -22.59 -8.08 -21.65
N LEU B 400 -22.82 -7.63 -20.42
CA LEU B 400 -21.83 -6.83 -19.69
C LEU B 400 -21.06 -7.60 -18.61
N ALA B 401 -21.72 -8.55 -17.95
CA ALA B 401 -21.11 -9.30 -16.84
C ALA B 401 -20.92 -10.78 -17.13
N GLY B 402 -21.38 -11.23 -18.30
CA GLY B 402 -21.26 -12.63 -18.70
C GLY B 402 -22.14 -13.60 -17.91
N VAL B 403 -23.16 -13.07 -17.25
CA VAL B 403 -24.14 -13.89 -16.53
C VAL B 403 -25.06 -14.57 -17.54
N THR B 404 -25.15 -15.90 -17.46
CA THR B 404 -25.98 -16.68 -18.38
C THR B 404 -26.99 -17.58 -17.67
N ALA B 405 -26.83 -17.74 -16.36
CA ALA B 405 -27.69 -18.59 -15.54
C ALA B 405 -29.12 -18.04 -15.45
N ARG B 406 -30.09 -18.95 -15.37
CA ARG B 406 -31.50 -18.60 -15.26
C ARG B 406 -31.83 -18.17 -13.83
N PRO B 407 -32.48 -16.99 -13.66
CA PRO B 407 -32.83 -16.53 -12.33
C PRO B 407 -34.04 -17.24 -11.75
N SER B 408 -34.02 -17.51 -10.46
CA SER B 408 -35.13 -18.16 -9.77
C SER B 408 -36.06 -17.14 -9.10
N PHE B 409 -35.55 -15.93 -8.88
CA PHE B 409 -36.30 -14.87 -8.22
C PHE B 409 -36.26 -13.55 -9.00
N THR B 410 -37.40 -12.89 -9.11
CA THR B 410 -37.53 -11.62 -9.83
C THR B 410 -38.49 -10.67 -9.14
N ARG B 411 -38.02 -9.45 -8.86
CA ARG B 411 -38.82 -8.41 -8.22
C ARG B 411 -38.47 -7.03 -8.75
N VAL B 412 -39.49 -6.33 -9.25
CA VAL B 412 -39.30 -5.01 -9.86
C VAL B 412 -39.99 -3.93 -9.03
N PHE B 413 -39.25 -2.87 -8.74
CA PHE B 413 -39.82 -1.65 -8.15
C PHE B 413 -39.62 -0.47 -9.09
N ARG B 414 -40.71 0.23 -9.38
CA ARG B 414 -40.69 1.34 -10.31
C ARG B 414 -40.94 2.68 -9.62
N TRP B 415 -40.05 3.64 -9.87
CA TRP B 415 -40.19 5.00 -9.35
C TRP B 415 -40.27 6.02 -10.50
N PRO B 416 -41.49 6.43 -10.88
CA PRO B 416 -41.69 7.41 -11.96
C PRO B 416 -41.18 8.79 -11.57
N LEU B 417 -41.32 9.14 -10.30
CA LEU B 417 -40.79 10.38 -9.76
C LEU B 417 -39.61 10.01 -8.86
N GLY B 418 -38.50 9.62 -9.50
CA GLY B 418 -37.40 8.98 -8.78
C GLY B 418 -36.50 9.89 -7.95
N ILE B 419 -35.38 10.29 -8.55
CA ILE B 419 -34.33 11.00 -7.84
C ILE B 419 -34.23 12.47 -8.29
N PRO B 420 -34.20 13.40 -7.31
CA PRO B 420 -34.02 14.83 -7.58
C PRO B 420 -32.73 15.12 -8.37
N GLN B 421 -32.85 16.01 -9.35
CA GLN B 421 -31.72 16.38 -10.21
C GLN B 421 -31.25 17.80 -9.90
N TYR B 422 -30.06 17.90 -9.32
CA TYR B 422 -29.47 19.17 -8.92
C TYR B 422 -28.77 19.80 -10.12
N ASN B 423 -29.57 20.23 -11.09
CA ASN B 423 -29.05 20.75 -12.34
C ASN B 423 -28.64 22.22 -12.25
N LEU B 424 -28.01 22.72 -13.32
CA LEU B 424 -27.57 24.11 -13.40
C LEU B 424 -28.67 25.05 -12.93
N GLY B 425 -28.35 25.90 -11.97
CA GLY B 425 -29.31 26.84 -11.41
C GLY B 425 -29.94 26.38 -10.10
N HIS B 426 -29.55 25.20 -9.63
CA HIS B 426 -30.13 24.60 -8.41
C HIS B 426 -29.88 25.41 -7.14
N LEU B 427 -28.63 25.79 -6.90
CA LEU B 427 -28.30 26.58 -5.70
C LEU B 427 -29.03 27.93 -5.69
N GLU B 428 -29.09 28.57 -6.85
CA GLU B 428 -29.78 29.85 -7.01
C GLU B 428 -31.28 29.70 -6.78
N ARG B 429 -31.84 28.56 -7.24
CA ARG B 429 -33.24 28.24 -7.04
C ARG B 429 -33.55 28.02 -5.56
N VAL B 430 -32.71 27.26 -4.89
CA VAL B 430 -32.89 26.96 -3.47
C VAL B 430 -32.73 28.23 -2.62
N ALA B 431 -31.93 29.17 -3.11
CA ALA B 431 -31.77 30.48 -2.47
C ALA B 431 -33.07 31.30 -2.55
N ALA B 432 -33.70 31.29 -3.72
CA ALA B 432 -34.96 32.00 -3.92
C ALA B 432 -36.10 31.40 -3.09
N ILE B 433 -36.13 30.07 -3.02
CA ILE B 433 -37.09 29.34 -2.18
C ILE B 433 -36.96 29.75 -0.71
N ASP B 434 -35.74 29.74 -0.19
CA ASP B 434 -35.46 30.13 1.20
C ASP B 434 -35.90 31.56 1.48
N ALA B 435 -35.55 32.47 0.57
CA ALA B 435 -35.88 33.90 0.68
C ALA B 435 -37.39 34.12 0.79
N ALA B 436 -38.13 33.45 -0.09
CA ALA B 436 -39.60 33.51 -0.09
C ALA B 436 -40.20 32.91 1.18
N LEU B 437 -39.53 31.91 1.74
CA LEU B 437 -40.00 31.22 2.96
C LEU B 437 -39.95 32.07 4.22
N GLN B 438 -39.13 33.12 4.20
CA GLN B 438 -39.01 34.03 5.34
C GLN B 438 -40.27 34.88 5.50
N ARG B 439 -40.97 35.11 4.39
CA ARG B 439 -42.18 35.93 4.39
C ARG B 439 -43.46 35.13 4.63
N LEU B 440 -43.31 33.87 5.02
CA LEU B 440 -44.44 33.03 5.47
C LEU B 440 -44.06 32.34 6.79
N PRO B 441 -44.21 33.06 7.92
CA PRO B 441 -43.75 32.56 9.22
C PRO B 441 -44.49 31.29 9.65
N GLY B 442 -43.72 30.33 10.17
CA GLY B 442 -44.26 29.03 10.58
C GLY B 442 -44.17 27.95 9.52
N LEU B 443 -43.88 28.37 8.28
CA LEU B 443 -43.77 27.43 7.16
C LEU B 443 -42.31 27.06 6.93
N HIS B 444 -42.04 25.76 6.82
CA HIS B 444 -40.70 25.25 6.67
C HIS B 444 -40.61 24.10 5.69
N LEU B 445 -39.50 24.02 4.95
CA LEU B 445 -39.29 22.93 4.00
C LEU B 445 -38.14 22.02 4.40
N ILE B 446 -38.31 20.72 4.09
CA ILE B 446 -37.29 19.71 4.26
C ILE B 446 -37.55 18.56 3.28
N GLY B 447 -36.51 17.80 2.96
CA GLY B 447 -36.64 16.70 2.01
C GLY B 447 -35.52 16.68 0.98
N ASN B 448 -35.42 15.56 0.26
CA ASN B 448 -34.29 15.31 -0.64
C ASN B 448 -34.24 16.16 -1.91
N ALA B 449 -35.22 17.06 -2.06
CA ALA B 449 -35.31 17.92 -3.23
C ALA B 449 -34.42 19.16 -3.13
N TYR B 450 -34.04 19.52 -1.90
CA TYR B 450 -33.40 20.82 -1.65
C TYR B 450 -31.90 20.77 -1.36
N LYS B 451 -31.53 20.39 -0.13
CA LYS B 451 -30.14 20.55 0.34
C LYS B 451 -29.38 19.24 0.56
N GLY B 452 -29.76 18.19 -0.18
CA GLY B 452 -29.09 16.91 -0.05
C GLY B 452 -29.97 15.72 -0.36
N VAL B 453 -29.55 14.97 -1.38
CA VAL B 453 -30.14 13.68 -1.74
C VAL B 453 -29.45 12.64 -0.87
N GLY B 454 -30.19 11.62 -0.43
CA GLY B 454 -29.56 10.52 0.29
C GLY B 454 -29.69 10.61 1.79
N LEU B 455 -29.71 9.44 2.42
CA LEU B 455 -30.06 9.28 3.83
C LEU B 455 -29.26 10.16 4.78
N ASN B 456 -27.94 10.12 4.67
CA ASN B 456 -27.05 10.91 5.53
C ASN B 456 -27.40 12.39 5.55
N ASP B 457 -27.61 12.96 4.36
CA ASP B 457 -27.96 14.37 4.21
C ASP B 457 -29.31 14.69 4.83
N CYS B 458 -30.31 13.85 4.51
CA CYS B 458 -31.67 14.00 5.04
C CYS B 458 -31.68 14.01 6.57
N ILE B 459 -30.97 13.05 7.16
CA ILE B 459 -30.92 12.93 8.62
C ILE B 459 -30.25 14.13 9.29
N ARG B 460 -29.10 14.56 8.77
CA ARG B 460 -28.40 15.72 9.30
C ARG B 460 -29.23 17.00 9.18
N ASN B 461 -29.80 17.23 8.00
CA ASN B 461 -30.59 18.43 7.74
C ASN B 461 -31.84 18.51 8.61
N ALA B 462 -32.46 17.36 8.85
CA ALA B 462 -33.65 17.24 9.70
C ALA B 462 -33.35 17.61 11.15
N ALA B 463 -32.25 17.08 11.68
CA ALA B 463 -31.84 17.36 13.05
C ALA B 463 -31.52 18.84 13.25
N GLN B 464 -30.93 19.46 12.22
CA GLN B 464 -30.57 20.87 12.27
C GLN B 464 -31.79 21.80 12.21
N LEU B 465 -32.79 21.41 11.40
CA LEU B 465 -34.05 22.15 11.32
C LEU B 465 -34.81 22.05 12.64
N ALA B 466 -34.91 20.84 13.17
CA ALA B 466 -35.60 20.57 14.43
C ALA B 466 -35.03 21.39 15.58
N ASP B 467 -33.70 21.41 15.70
CA ASP B 467 -33.01 22.21 16.71
C ASP B 467 -33.31 23.70 16.54
N ALA B 468 -33.22 24.19 15.32
CA ALA B 468 -33.49 25.60 15.00
C ALA B 468 -34.93 25.99 15.32
N LEU B 469 -35.83 25.01 15.25
CA LEU B 469 -37.24 25.21 15.53
C LEU B 469 -37.45 25.30 17.05
N VAL B 470 -36.73 24.46 17.80
CA VAL B 470 -36.78 24.46 19.25
C VAL B 470 -36.11 25.72 19.84
N ALA B 471 -34.95 26.07 19.29
CA ALA B 471 -34.20 27.25 19.74
C ALA B 471 -34.93 28.57 19.46
N GLY B 472 -35.64 28.61 18.33
CA GLY B 472 -36.38 29.81 17.92
C GLY B 472 -37.85 29.76 18.27
N ASN B 473 -38.20 28.93 19.26
CA ASN B 473 -39.58 28.77 19.73
C ASN B 473 -40.19 30.06 20.26
PA FAD C . 37.69 -15.70 4.36
O1A FAD C . 36.51 -15.89 5.27
O2A FAD C . 38.58 -14.59 4.88
O5B FAD C . 38.50 -17.10 4.24
C5B FAD C . 39.87 -17.15 3.94
C4B FAD C . 40.57 -18.11 4.90
O4B FAD C . 41.81 -18.55 4.38
C3B FAD C . 40.89 -17.45 6.24
O3B FAD C . 40.20 -18.13 7.26
C2B FAD C . 42.38 -17.60 6.42
O2B FAD C . 42.70 -17.97 7.74
C1B FAD C . 42.73 -18.71 5.44
N9A FAD C . 44.12 -18.66 4.95
C8A FAD C . 44.87 -17.56 4.63
N7A FAD C . 46.09 -17.95 4.22
C5A FAD C . 46.15 -19.30 4.28
C6A FAD C . 47.17 -20.21 3.98
N6A FAD C . 48.13 -19.84 3.12
N1A FAD C . 46.93 -21.56 4.15
C2A FAD C . 45.71 -22.01 4.61
N3A FAD C . 44.70 -21.10 4.89
C4A FAD C . 44.92 -19.77 4.74
N1 FAD C . 28.49 -10.84 4.04
C2 FAD C . 27.12 -10.98 3.94
O2 FAD C . 26.64 -11.62 3.01
N3 FAD C . 26.29 -10.38 4.87
C4 FAD C . 26.83 -9.65 5.92
O4 FAD C . 26.16 -9.56 6.95
C4X FAD C . 28.22 -9.52 6.03
N5 FAD C . 28.78 -8.79 7.06
C5X FAD C . 30.15 -8.66 7.18
C6 FAD C . 30.69 -7.94 8.24
C7 FAD C . 32.08 -7.80 8.37
C7M FAD C . 32.63 -7.03 9.53
C8 FAD C . 32.92 -8.40 7.43
C8M FAD C . 34.35 -8.69 7.77
C9 FAD C . 32.37 -9.13 6.38
C9A FAD C . 30.98 -9.26 6.24
N10 FAD C . 30.42 -9.99 5.20
C10 FAD C . 29.05 -10.13 5.08
C1' FAD C . 31.30 -10.40 4.03
C2' FAD C . 31.58 -11.90 4.11
O2' FAD C . 31.41 -12.34 5.44
C3' FAD C . 32.99 -12.24 3.66
O3' FAD C . 33.27 -11.55 2.46
C4' FAD C . 33.13 -13.75 3.44
O4' FAD C . 32.77 -14.46 4.61
C5' FAD C . 34.57 -14.11 3.09
O5' FAD C . 34.67 -15.50 2.92
P FAD C . 35.94 -16.12 2.16
O1P FAD C . 35.98 -17.61 2.40
O2P FAD C . 35.87 -15.80 0.70
O3P FAD C . 37.21 -15.40 2.85
C1 GOL D . 6.38 3.32 -20.36
O1 GOL D . 5.31 4.24 -20.52
C2 GOL D . 6.28 2.18 -21.37
O2 GOL D . 7.34 1.28 -21.15
C3 GOL D . 6.41 2.74 -22.77
O3 GOL D . 7.78 2.75 -23.13
C1 GOL E . 11.08 6.13 -22.92
O1 GOL E . 10.88 7.53 -22.97
C2 GOL E . 12.09 5.70 -23.97
O2 GOL E . 12.09 4.28 -24.06
C3 GOL E . 13.49 6.16 -23.58
O3 GOL E . 14.37 5.06 -23.61
C1 GOL F . 14.69 13.24 -26.92
O1 GOL F . 13.71 13.34 -27.93
C2 GOL F . 16.09 13.29 -27.53
O2 GOL F . 16.25 12.20 -28.41
C3 GOL F . 17.14 13.21 -26.42
O3 GOL F . 18.42 13.41 -26.96
OAG TWN G . 30.59 -2.75 7.26
CAE TWN G . 29.39 -2.99 7.33
OAI TWN G . 28.54 -1.94 7.23
CAJ TWN G . 27.83 -1.63 8.41
CAM TWN G . 26.47 -2.30 8.32
CAH TWN G . 25.39 -1.39 8.91
CAO TWN G . 25.68 -1.05 10.34
CAB TWN G . 24.02 -2.04 8.75
OAA TWN G . 23.61 -2.01 7.40
CAD TWN G . 22.19 -2.25 7.41
CAF TWN G . 21.68 -1.61 8.70
CAN TWN G . 20.87 -0.36 8.41
CAC TWN G . 22.94 -1.29 9.49
CAK TWN G . 23.24 0.19 9.49
CAL TWN G . 28.91 -4.43 7.53
CAP TWN G . 28.93 -5.23 6.23
CAW TWN G . 27.56 -5.21 5.55
CAS TWN G . 27.05 -6.61 5.20
CAX TWN G . 26.64 -6.76 3.74
CAT TWN G . 27.81 -7.28 2.90
CAU TWN G . 27.37 -8.18 1.75
CAV TWN G . 25.91 -7.95 1.34
CAR TWN G . 25.00 -7.85 2.55
CAQ TWN G . 23.55 -8.16 2.18
CAY TWN G . 22.88 -6.95 1.54
PA FAD H . -39.66 10.55 0.47
O1A FAD H . -39.06 9.24 0.91
O2A FAD H . -40.24 10.44 -0.92
O5B FAD H . -40.78 11.03 1.53
C5B FAD H . -41.83 11.88 1.15
C4B FAD H . -43.18 11.32 1.61
O4B FAD H . -44.16 12.33 1.56
C3B FAD H . -43.67 10.18 0.72
O3B FAD H . -43.80 9.01 1.48
C2B FAD H . -45.02 10.64 0.22
O2B FAD H . -45.98 9.61 0.25
C1B FAD H . -45.39 11.73 1.21
N9A FAD H . -46.38 12.69 0.69
C8A FAD H . -46.45 13.25 -0.56
N7A FAD H . -47.53 14.07 -0.61
C5A FAD H . -48.14 14.04 0.59
C6A FAD H . -49.28 14.68 1.08
N6A FAD H . -49.73 15.77 0.46
N1A FAD H . -49.68 14.45 2.38
C2A FAD H . -48.97 13.59 3.20
N3A FAD H . -47.84 12.95 2.71
C4A FAD H . -47.44 13.17 1.42
N1 FAD H . -29.84 7.23 -0.69
C2 FAD H . -28.68 6.82 -0.05
O2 FAD H . -28.21 7.51 0.85
N3 FAD H . -28.07 5.66 -0.44
C4 FAD H . -28.61 4.88 -1.45
O4 FAD H . -28.31 3.68 -1.47
C4X FAD H . -29.77 5.29 -2.09
N5 FAD H . -30.32 4.53 -3.11
C5X FAD H . -31.48 4.94 -3.74
C6 FAD H . -32.02 4.17 -4.77
C7 FAD H . -33.19 4.56 -5.41
C7M FAD H . -33.81 3.62 -6.42
C8 FAD H . -33.82 5.75 -5.03
C8M FAD H . -35.27 5.99 -5.36
C9 FAD H . -33.28 6.52 -4.00
C9A FAD H . -32.11 6.12 -3.35
N10 FAD H . -31.57 6.89 -2.34
C10 FAD H . -30.40 6.47 -1.70
C1' FAD H . -32.06 8.29 -2.12
C2' FAD H . -32.77 8.41 -0.77
O2' FAD H . -33.30 7.16 -0.41
C3' FAD H . -33.87 9.46 -0.83
O3' FAD H . -33.27 10.71 -1.12
C4' FAD H . -34.66 9.57 0.47
O4' FAD H . -35.14 8.31 0.88
C5' FAD H . -35.84 10.52 0.29
O5' FAD H . -36.43 10.73 1.55
P FAD H . -37.53 11.89 1.76
O1P FAD H . -38.25 11.67 3.06
O2P FAD H . -36.86 13.24 1.72
O3P FAD H . -38.55 11.72 0.52
C1 GOL I . 3.94 23.44 -2.13
O1 GOL I . 2.79 24.14 -2.57
C2 GOL I . 3.54 22.23 -1.31
O2 GOL I . 2.13 22.18 -1.21
C3 GOL I . 4.09 20.94 -1.93
O3 GOL I . 4.05 20.98 -3.34
C1 GOL J . 8.22 23.37 -6.01
O1 GOL J . 7.09 23.24 -6.84
C2 GOL J . 9.22 22.27 -6.33
O2 GOL J . 9.36 22.11 -7.73
C3 GOL J . 10.58 22.58 -5.68
O3 GOL J . 11.54 22.93 -6.66
C1 GOL K . -0.01 26.84 -7.42
O1 GOL K . -0.61 26.91 -6.14
C2 GOL K . 1.30 26.05 -7.37
O2 GOL K . 1.45 25.45 -6.11
C3 GOL K . 1.32 24.98 -8.44
O3 GOL K . 2.47 24.17 -8.29
OAG TWN L . 7.06 28.95 -11.41
CAE TWN L . 6.68 29.97 -11.97
OAI TWN L . 5.45 30.01 -12.57
CAJ TWN L . 5.54 29.97 -13.98
CAM TWN L . 4.18 29.97 -14.68
CAH TWN L . 3.17 30.76 -13.86
CAO TWN L . 2.90 30.13 -12.51
CAB TWN L . 1.88 31.20 -14.58
OAA TWN L . 0.75 30.83 -13.87
CAD TWN L . -0.28 31.55 -14.50
CAF TWN L . -0.05 31.34 -15.97
CAN TWN L . -0.99 30.27 -16.50
CAC TWN L . 1.43 30.91 -16.01
CAK TWN L . 1.58 29.44 -16.42
CAL TWN L . 7.56 31.21 -11.95
CAP TWN L . 8.98 30.88 -11.54
CAW TWN L . 9.81 32.15 -11.35
CAS TWN L . 9.54 33.19 -12.43
CAX TWN L . 10.75 34.08 -12.69
CAT TWN L . 11.43 33.73 -14.01
CAU TWN L . 12.27 34.88 -14.55
CAV TWN L . 12.68 34.68 -16.00
CAR TWN L . 12.77 36.02 -16.72
CAQ TWN L . 11.76 36.13 -17.85
CAY TWN L . 12.04 35.08 -18.93
OAG TWN M . -27.27 3.11 -7.48
CAE TWN M . -27.28 3.26 -8.70
OAI TWN M . -26.31 2.68 -9.45
CAJ TWN M . -26.37 1.24 -9.23
CAM TWN M . -25.02 0.56 -9.34
CAH TWN M . -24.28 0.71 -8.03
CAO TWN M . -24.59 2.06 -7.40
CAB TWN M . -22.80 0.58 -8.24
OAA TWN M . -22.12 -0.39 -7.48
CAD TWN M . -20.74 -0.11 -7.74
CAF TWN M . -20.66 1.40 -7.81
CAN TWN M . -19.85 2.01 -6.65
CAC TWN M . -22.11 1.84 -7.76
CAK TWN M . -22.56 2.26 -6.35
CAL TWN M . -28.37 4.07 -9.34
CAP TWN M . -28.65 5.33 -8.54
CAW TWN M . -29.39 5.04 -7.24
CAS TWN M . -28.50 5.26 -6.04
CAX TWN M . -28.84 6.54 -5.27
CAT TWN M . -27.84 6.71 -4.12
CAU TWN M . -27.83 8.13 -3.56
CAV TWN M . -26.65 8.31 -2.60
CAR TWN M . -25.78 7.04 -2.56
CAQ TWN M . -24.57 7.24 -1.65
CAY TWN M . -24.41 6.11 -0.64
#